data_9U4V
#
_entry.id   9U4V
#
_cell.length_a   1.00
_cell.length_b   1.00
_cell.length_c   1.00
_cell.angle_alpha   90.00
_cell.angle_beta   90.00
_cell.angle_gamma   90.00
#
_symmetry.space_group_name_H-M   'P 1'
#
loop_
_entity.id
_entity.type
_entity.pdbx_description
1 polymer 'MmpL4 protein'
2 polymer 'Meromycolate extension acyl carrier protein'
#
loop_
_entity_poly.entity_id
_entity_poly.type
_entity_poly.pdbx_seq_one_letter_code
_entity_poly.pdbx_strand_id
1 'polypeptide(L)'
;MSNPSHDAPTDAMGVSGPKHARPGGIAKWIRVLAVPIILVWVAIIAVLNTVVPQLDVVGEMRSVSMSPDDAPSVIAMKRV
GEVFEEFKSNSSVMIVLEGEQPLGDEAHKYYDEIVDKLEADPAHVEHVQDFWGDPLTASGAQSPDGLASYVQVYTRGNQG
EALANESVEAVQDIVESVPAPPGVKAYVTGPAALSADQHVASDRSVRVIEALTFAVIITMLLLVYRSIVTVILTLVMVVL
SLSAARGMIAFLGYHEIIGLSVFATNLLTTLAIAAATDYAIFLIGRYQEARSVGEDREQSYYTMFHSTAHVVLGSGMTIA
GATLCLHFTRMPYFQSLGIPLAIGMSVVVLASLTMGAAIISVASRFGKTFEPKRAMRTRGWRKLGAAVVRWPAPILVTTI
ALSVVGLLALPGYQTNYNDRRYLPQDLPANTGYAAADRHFSQARMNPELLMIESDHDLRNSADFLVVDRIAKRVFQVPGI
SRVQAITRPQGTPIEHTSIPFQISMSGTTQMMNMKYMQDRMADMLVMADEMQKSVDTMEEMLKITREMSDTTHSMVGKMH
GMVEDIKELRDHIADFDDFLRPIRNYFYWEPHCDSIPVCQSIRSIFDTLDGIDVMTDDIQRLMPDMDRLDELMPQMLTIM
PPMIESMKTMKTMMLTTQATMGGLQDQMEAAMENQTAMGQAFDASKNDDSFYLPPETFENPDFKRGMKMFLSPDGHAVRF
IISHEGDPMSPEGIKHIDAIKQAAKEAIKGTPLEGSKIYLGGTAATFKDLQEGANYDLIIAGIAALCLIFIIMLIITRAV
VASAVIVGTVVISLGASFGLSVLIWQHIIGLELHWMVLAMAVIVLLAVGADYNLLLVSRIKEEIHAGLNTGIIRSMGGTG
SVVTSAGLVFAFTMMSMAVSELAVIAQVGTTIGLGLLFDTLVIRSFMTPSIAALMGKWFWWPQRVRQRPLPAPWPQPVQR
DPEDALNRVAAAENLYFQGLWSHPQFEKGGGSGGGSGGSAWSHPQFEK
;
A
2 'polypeptide(L)'
;MAATQEEIIAGLAEIIEEVTGIEPSEVTPEKSFVDDLDID(4HH)LSMVEIAVQTEDKYGVKIPDEDLAGLRTVGDVVAY
IQKLEEENPEAAAALREKFAADQ
;
B
#
# COMPACT_ATOMS: atom_id res chain seq x y z
N ALA A 21 30.72 -18.82 13.49
CA ALA A 21 30.81 -17.95 12.33
C ALA A 21 32.24 -17.88 11.80
N ARG A 22 32.48 -18.53 10.67
CA ARG A 22 33.81 -18.53 10.08
C ARG A 22 34.14 -17.15 9.53
N PRO A 23 35.28 -16.56 9.91
CA PRO A 23 35.62 -15.24 9.39
C PRO A 23 36.06 -15.28 7.92
N GLY A 24 35.08 -15.32 7.02
CA GLY A 24 35.39 -15.35 5.60
C GLY A 24 34.13 -15.14 4.79
N GLY A 25 34.32 -14.96 3.49
CA GLY A 25 33.22 -14.79 2.57
C GLY A 25 32.87 -13.35 2.29
N ILE A 26 31.59 -13.10 1.98
CA ILE A 26 31.15 -11.75 1.68
C ILE A 26 31.24 -10.85 2.91
N ALA A 27 30.99 -11.42 4.09
CA ALA A 27 31.11 -10.66 5.33
C ALA A 27 32.53 -10.14 5.51
N LYS A 28 33.52 -10.99 5.23
CA LYS A 28 34.92 -10.56 5.32
C LYS A 28 35.19 -9.39 4.39
N TRP A 29 34.69 -9.47 3.15
CA TRP A 29 34.96 -8.41 2.19
C TRP A 29 34.29 -7.11 2.60
N ILE A 30 33.05 -7.18 3.10
CA ILE A 30 32.37 -5.97 3.55
C ILE A 30 33.11 -5.37 4.76
N ARG A 31 33.60 -6.22 5.65
CA ARG A 31 34.30 -5.71 6.82
C ARG A 31 35.61 -5.03 6.45
N VAL A 32 36.42 -5.66 5.59
CA VAL A 32 37.70 -5.09 5.24
C VAL A 32 37.54 -3.84 4.39
N LEU A 33 36.53 -3.84 3.50
CA LEU A 33 36.28 -2.70 2.61
C LEU A 33 35.15 -1.82 3.12
N ALA A 34 35.02 -1.67 4.44
CA ALA A 34 33.90 -0.92 4.99
C ALA A 34 33.97 0.55 4.61
N VAL A 35 35.13 1.19 4.84
CA VAL A 35 35.27 2.59 4.48
C VAL A 35 35.14 2.83 2.98
N PRO A 36 35.79 2.05 2.10
CA PRO A 36 35.58 2.28 0.67
C PRO A 36 34.13 2.12 0.24
N ILE A 37 33.41 1.16 0.80
CA ILE A 37 32.03 0.98 0.35
C ILE A 37 31.12 2.05 0.93
N ILE A 38 31.43 2.57 2.12
CA ILE A 38 30.70 3.72 2.65
C ILE A 38 30.90 4.92 1.74
N LEU A 39 32.15 5.16 1.34
CA LEU A 39 32.43 6.28 0.44
C LEU A 39 31.73 6.10 -0.90
N VAL A 40 31.72 4.86 -1.42
CA VAL A 40 31.04 4.60 -2.69
C VAL A 40 29.56 4.87 -2.57
N TRP A 41 28.93 4.41 -1.49
CA TRP A 41 27.50 4.66 -1.31
C TRP A 41 27.21 6.15 -1.19
N VAL A 42 28.03 6.88 -0.42
CA VAL A 42 27.81 8.32 -0.27
C VAL A 42 27.98 9.02 -1.61
N ALA A 43 28.99 8.63 -2.39
CA ALA A 43 29.20 9.23 -3.70
C ALA A 43 28.03 8.94 -4.64
N ILE A 44 27.51 7.71 -4.60
CA ILE A 44 26.38 7.36 -5.44
C ILE A 44 25.16 8.18 -5.06
N ILE A 45 24.92 8.35 -3.75
CA ILE A 45 23.79 9.15 -3.29
C ILE A 45 23.94 10.59 -3.76
N ALA A 46 25.16 11.14 -3.63
CA ALA A 46 25.39 12.52 -4.05
C ALA A 46 25.19 12.69 -5.54
N VAL A 47 25.68 11.74 -6.34
CA VAL A 47 25.50 11.82 -7.78
C VAL A 47 24.03 11.75 -8.14
N LEU A 48 23.30 10.81 -7.54
CA LEU A 48 21.88 10.64 -7.87
C LEU A 48 21.07 11.86 -7.43
N ASN A 49 21.48 12.54 -6.38
CA ASN A 49 20.73 13.70 -5.91
C ASN A 49 21.20 15.01 -6.54
N THR A 50 22.34 15.04 -7.22
CA THR A 50 22.82 16.25 -7.85
C THR A 50 22.73 16.25 -9.37
N VAL A 51 22.54 15.10 -10.00
CA VAL A 51 22.36 15.07 -11.45
C VAL A 51 20.89 15.05 -11.84
N VAL A 52 20.00 14.68 -10.93
CA VAL A 52 18.58 14.53 -11.22
C VAL A 52 17.79 15.29 -10.16
N PRO A 53 16.69 15.95 -10.52
CA PRO A 53 15.86 16.60 -9.50
C PRO A 53 15.35 15.60 -8.47
N GLN A 54 14.83 16.15 -7.38
CA GLN A 54 14.38 15.33 -6.26
C GLN A 54 13.20 14.45 -6.68
N LEU A 55 12.85 13.51 -5.79
CA LEU A 55 11.79 12.56 -6.09
C LEU A 55 10.45 13.27 -6.27
N ASP A 56 10.14 14.23 -5.41
CA ASP A 56 8.86 14.93 -5.52
C ASP A 56 8.76 15.68 -6.84
N VAL A 57 9.85 16.35 -7.25
CA VAL A 57 9.82 17.12 -8.49
C VAL A 57 9.60 16.20 -9.68
N VAL A 58 10.38 15.12 -9.76
CA VAL A 58 10.27 14.22 -10.91
C VAL A 58 8.91 13.53 -10.91
N GLY A 59 8.39 13.19 -9.73
CA GLY A 59 7.05 12.64 -9.67
C GLY A 59 6.00 13.61 -10.17
N GLU A 60 6.19 14.90 -9.89
CA GLU A 60 5.28 15.91 -10.42
C GLU A 60 5.37 16.00 -11.93
N MET A 61 6.59 15.99 -12.48
CA MET A 61 6.79 16.20 -13.91
C MET A 61 6.96 14.89 -14.68
N ARG A 62 6.81 13.75 -14.03
CA ARG A 62 6.83 12.45 -14.72
C ARG A 62 5.73 11.56 -14.16
N SER A 63 4.58 12.14 -13.87
CA SER A 63 3.46 11.35 -13.40
C SER A 63 2.90 10.49 -14.53
N VAL A 64 2.20 9.43 -14.16
CA VAL A 64 1.70 8.47 -15.11
C VAL A 64 0.20 8.70 -15.27
N SER A 65 -0.33 8.24 -16.40
CA SER A 65 -1.72 8.49 -16.75
C SER A 65 -2.67 7.87 -15.73
N MET A 66 -3.82 8.52 -15.55
CA MET A 66 -4.83 7.99 -14.65
C MET A 66 -5.40 6.67 -15.15
N SER A 67 -5.64 6.56 -16.45
CA SER A 67 -6.27 5.39 -17.03
C SER A 67 -5.39 4.80 -18.13
N PRO A 68 -5.39 3.48 -18.30
CA PRO A 68 -4.55 2.88 -19.34
C PRO A 68 -5.03 3.25 -20.73
N ASP A 69 -4.08 3.28 -21.67
CA ASP A 69 -4.40 3.67 -23.04
C ASP A 69 -5.33 2.66 -23.71
N ASP A 70 -5.12 1.37 -23.46
CA ASP A 70 -5.94 0.34 -24.09
C ASP A 70 -7.34 0.25 -23.52
N ALA A 71 -7.63 0.97 -22.44
CA ALA A 71 -8.95 0.91 -21.83
C ALA A 71 -10.00 1.41 -22.82
N PRO A 72 -11.19 0.81 -22.84
CA PRO A 72 -12.23 1.26 -23.78
C PRO A 72 -12.61 2.72 -23.61
N SER A 73 -12.60 3.25 -22.39
CA SER A 73 -13.01 4.64 -22.19
C SER A 73 -12.01 5.61 -22.81
N VAL A 74 -10.71 5.37 -22.62
CA VAL A 74 -9.70 6.28 -23.15
C VAL A 74 -9.73 6.27 -24.67
N ILE A 75 -9.78 5.08 -25.27
CA ILE A 75 -9.83 5.02 -26.72
C ILE A 75 -11.14 5.61 -27.25
N ALA A 76 -12.24 5.44 -26.51
CA ALA A 76 -13.50 6.05 -26.91
C ALA A 76 -13.40 7.57 -26.90
N MET A 77 -12.82 8.15 -25.85
CA MET A 77 -12.67 9.60 -25.79
C MET A 77 -11.74 10.11 -26.89
N LYS A 78 -10.65 9.38 -27.15
CA LYS A 78 -9.74 9.77 -28.22
C LYS A 78 -10.47 9.73 -29.57
N ARG A 79 -11.30 8.71 -29.78
CA ARG A 79 -12.08 8.63 -31.00
C ARG A 79 -13.07 9.79 -31.10
N VAL A 80 -13.71 10.15 -29.98
CA VAL A 80 -14.59 11.31 -29.96
C VAL A 80 -13.84 12.54 -30.44
N GLY A 81 -12.65 12.76 -29.87
CA GLY A 81 -11.88 13.94 -30.21
C GLY A 81 -11.45 13.96 -31.67
N GLU A 82 -10.98 12.82 -32.19
CA GLU A 82 -10.44 12.83 -33.54
C GLU A 82 -11.55 12.85 -34.58
N VAL A 83 -12.71 12.25 -34.28
CA VAL A 83 -13.83 12.32 -35.19
C VAL A 83 -14.41 13.73 -35.22
N PHE A 84 -14.59 14.34 -34.04
CA PHE A 84 -15.14 15.69 -33.99
C PHE A 84 -14.08 16.76 -34.24
N GLU A 85 -12.81 16.36 -34.39
CA GLU A 85 -11.72 17.29 -34.71
C GLU A 85 -11.64 18.42 -33.68
N GLU A 86 -11.82 18.08 -32.41
CA GLU A 86 -11.77 19.05 -31.33
C GLU A 86 -10.56 18.84 -30.41
N PHE A 87 -10.34 17.61 -29.96
CA PHE A 87 -9.24 17.33 -29.04
C PHE A 87 -8.59 16.01 -29.42
N LYS A 88 -7.48 15.70 -28.76
CA LYS A 88 -6.78 14.45 -29.00
C LYS A 88 -6.36 13.76 -27.71
N SER A 89 -6.84 14.21 -26.56
CA SER A 89 -6.42 13.67 -25.27
C SER A 89 -7.63 13.46 -24.38
N ASN A 90 -7.48 12.53 -23.44
CA ASN A 90 -8.56 12.18 -22.51
C ASN A 90 -8.35 12.93 -21.20
N SER A 91 -8.77 14.20 -21.20
CA SER A 91 -8.74 15.02 -20.00
C SER A 91 -9.68 16.18 -20.19
N SER A 92 -10.66 16.33 -19.30
CA SER A 92 -11.60 17.43 -19.36
C SER A 92 -11.66 18.10 -18.00
N VAL A 93 -11.74 19.43 -18.01
CA VAL A 93 -11.88 20.21 -16.79
C VAL A 93 -13.17 21.01 -16.88
N MET A 94 -13.89 21.07 -15.77
CA MET A 94 -15.14 21.80 -15.67
C MET A 94 -14.85 23.18 -15.10
N ILE A 95 -15.23 24.22 -15.81
CA ILE A 95 -15.15 25.58 -15.29
C ILE A 95 -16.54 26.00 -14.88
N VAL A 96 -16.72 26.25 -13.57
CA VAL A 96 -18.02 26.56 -13.00
C VAL A 96 -18.02 27.99 -12.51
N LEU A 97 -18.97 28.78 -12.98
CA LEU A 97 -19.17 30.16 -12.54
C LEU A 97 -20.36 30.17 -11.60
N GLU A 98 -20.12 30.59 -10.36
CA GLU A 98 -21.15 30.63 -9.33
C GLU A 98 -21.30 32.07 -8.85
N GLY A 99 -22.50 32.63 -9.00
CA GLY A 99 -22.76 34.00 -8.61
C GLY A 99 -23.80 34.08 -7.51
N GLU A 100 -23.62 35.08 -6.63
CA GLU A 100 -24.62 35.30 -5.58
C GLU A 100 -25.96 35.68 -6.20
N GLN A 101 -25.95 36.52 -7.21
CA GLN A 101 -27.10 36.89 -8.00
C GLN A 101 -27.18 36.00 -9.24
N PRO A 102 -28.34 35.92 -9.89
CA PRO A 102 -28.43 35.15 -11.13
C PRO A 102 -27.45 35.68 -12.17
N LEU A 103 -26.83 34.73 -12.89
CA LEU A 103 -25.79 35.08 -13.86
C LEU A 103 -26.39 35.88 -15.01
N GLY A 104 -26.09 37.17 -15.04
CA GLY A 104 -26.64 38.08 -16.03
C GLY A 104 -25.68 38.34 -17.17
N ASP A 105 -25.83 39.51 -17.79
CA ASP A 105 -25.00 39.85 -18.94
C ASP A 105 -23.53 39.99 -18.56
N GLU A 106 -23.25 40.53 -17.37
CA GLU A 106 -21.86 40.64 -16.93
C GLU A 106 -21.23 39.26 -16.76
N ALA A 107 -21.99 38.30 -16.24
CA ALA A 107 -21.49 36.94 -16.14
C ALA A 107 -21.21 36.36 -17.52
N HIS A 108 -22.08 36.64 -18.49
CA HIS A 108 -21.85 36.19 -19.86
C HIS A 108 -20.58 36.79 -20.43
N LYS A 109 -20.35 38.09 -20.20
CA LYS A 109 -19.12 38.72 -20.68
C LYS A 109 -17.89 38.10 -20.04
N TYR A 110 -17.95 37.86 -18.73
CA TYR A 110 -16.82 37.23 -18.03
C TYR A 110 -16.56 35.84 -18.57
N TYR A 111 -17.61 35.05 -18.79
CA TYR A 111 -17.45 33.70 -19.31
C TYR A 111 -16.91 33.72 -20.73
N ASP A 112 -17.38 34.66 -21.56
CA ASP A 112 -16.87 34.78 -22.92
C ASP A 112 -15.40 35.17 -22.92
N GLU A 113 -14.99 36.06 -22.02
CA GLU A 113 -13.58 36.41 -21.90
C GLU A 113 -12.76 35.20 -21.47
N ILE A 114 -13.29 34.40 -20.54
CA ILE A 114 -12.61 33.18 -20.12
C ILE A 114 -12.43 32.24 -21.30
N VAL A 115 -13.49 32.06 -22.07
CA VAL A 115 -13.44 31.14 -23.22
C VAL A 115 -12.43 31.64 -24.26
N ASP A 116 -12.44 32.95 -24.53
CA ASP A 116 -11.50 33.51 -25.49
C ASP A 116 -10.06 33.33 -25.04
N LYS A 117 -9.80 33.57 -23.75
CA LYS A 117 -8.44 33.39 -23.23
C LYS A 117 -8.03 31.92 -23.29
N LEU A 118 -8.96 31.01 -23.02
CA LEU A 118 -8.65 29.58 -23.11
C LEU A 118 -8.34 29.17 -24.54
N GLU A 119 -9.12 29.66 -25.50
CA GLU A 119 -8.86 29.36 -26.90
C GLU A 119 -7.59 30.01 -27.40
N ALA A 120 -7.18 31.13 -26.79
CA ALA A 120 -5.94 31.78 -27.18
C ALA A 120 -4.72 30.94 -26.85
N ASP A 121 -4.84 29.96 -25.96
CA ASP A 121 -3.73 29.08 -25.60
C ASP A 121 -4.05 27.66 -26.03
N PRO A 122 -3.58 27.23 -27.20
CA PRO A 122 -3.82 25.84 -27.63
C PRO A 122 -2.81 24.84 -27.11
N ALA A 123 -1.75 25.30 -26.44
CA ALA A 123 -0.76 24.37 -25.90
C ALA A 123 -1.33 23.53 -24.76
N HIS A 124 -2.31 24.07 -24.05
CA HIS A 124 -2.93 23.37 -22.93
C HIS A 124 -4.42 23.14 -23.10
N VAL A 125 -5.12 24.00 -23.83
CA VAL A 125 -6.56 23.88 -24.03
C VAL A 125 -6.78 23.36 -25.44
N GLU A 126 -7.14 22.08 -25.55
CA GLU A 126 -7.38 21.51 -26.87
C GLU A 126 -8.71 21.99 -27.44
N HIS A 127 -9.75 22.06 -26.61
CA HIS A 127 -11.07 22.48 -27.07
C HIS A 127 -11.87 23.01 -25.90
N VAL A 128 -12.87 23.83 -26.22
CA VAL A 128 -13.81 24.36 -25.23
C VAL A 128 -15.22 24.17 -25.78
N GLN A 129 -16.06 23.45 -25.06
CA GLN A 129 -17.45 23.26 -25.46
C GLN A 129 -18.26 24.44 -24.95
N ASP A 130 -18.36 25.48 -25.78
CA ASP A 130 -19.04 26.72 -25.40
C ASP A 130 -20.55 26.50 -25.45
N PHE A 131 -21.03 25.68 -24.51
CA PHE A 131 -22.46 25.41 -24.42
C PHE A 131 -23.22 26.63 -23.94
N TRP A 132 -22.65 27.38 -22.99
CA TRP A 132 -23.37 28.50 -22.39
C TRP A 132 -23.44 29.69 -23.34
N GLY A 133 -22.41 29.90 -24.16
CA GLY A 133 -22.41 31.05 -25.05
C GLY A 133 -23.53 31.00 -26.07
N ASP A 134 -23.80 29.82 -26.62
CA ASP A 134 -24.88 29.67 -27.58
C ASP A 134 -26.21 29.78 -26.87
N PRO A 135 -27.10 30.70 -27.26
CA PRO A 135 -28.42 30.77 -26.63
C PRO A 135 -29.24 29.52 -26.82
N LEU A 136 -28.96 28.73 -27.87
CA LEU A 136 -29.70 27.48 -28.08
C LEU A 136 -29.46 26.50 -26.94
N THR A 137 -28.22 26.39 -26.47
CA THR A 137 -27.87 25.46 -25.42
C THR A 137 -27.50 26.15 -24.11
N ALA A 138 -27.73 27.46 -24.02
CA ALA A 138 -27.33 28.20 -22.82
C ALA A 138 -28.01 27.63 -21.58
N SER A 139 -29.32 27.44 -21.65
CA SER A 139 -30.05 26.89 -20.51
C SER A 139 -29.59 25.48 -20.16
N GLY A 140 -28.92 24.79 -21.08
CA GLY A 140 -28.33 23.51 -20.75
C GLY A 140 -27.20 23.64 -19.74
N ALA A 141 -26.39 24.68 -19.88
CA ALA A 141 -25.28 24.89 -18.96
C ALA A 141 -25.74 25.47 -17.63
N GLN A 142 -26.78 26.29 -17.63
CA GLN A 142 -27.21 26.96 -16.42
C GLN A 142 -27.85 25.98 -15.45
N SER A 143 -27.75 26.30 -14.16
CA SER A 143 -28.42 25.54 -13.12
C SER A 143 -29.91 25.80 -13.15
N PRO A 144 -30.72 24.89 -12.59
CA PRO A 144 -32.16 25.14 -12.54
C PRO A 144 -32.53 26.42 -11.82
N ASP A 145 -31.80 26.80 -10.76
CA ASP A 145 -32.07 28.06 -10.09
C ASP A 145 -31.39 29.23 -10.78
N GLY A 146 -30.61 28.97 -11.82
CA GLY A 146 -29.97 30.03 -12.58
C GLY A 146 -28.92 30.82 -11.81
N LEU A 147 -28.09 30.14 -11.02
CA LEU A 147 -27.02 30.79 -10.29
C LEU A 147 -25.63 30.34 -10.69
N ALA A 148 -25.49 29.16 -11.27
CA ALA A 148 -24.19 28.64 -11.67
C ALA A 148 -24.25 28.11 -13.09
N SER A 149 -23.13 28.22 -13.79
CA SER A 149 -23.01 27.73 -15.16
C SER A 149 -21.69 27.01 -15.34
N TYR A 150 -21.72 25.83 -15.96
CA TYR A 150 -20.53 25.03 -16.13
C TYR A 150 -20.20 24.92 -17.62
N VAL A 151 -18.91 24.92 -17.92
CA VAL A 151 -18.41 24.77 -19.29
C VAL A 151 -17.29 23.75 -19.30
N GLN A 152 -17.31 22.87 -20.30
CA GLN A 152 -16.32 21.81 -20.44
C GLN A 152 -15.14 22.29 -21.26
N VAL A 153 -13.93 21.96 -20.80
CA VAL A 153 -12.70 22.33 -21.48
C VAL A 153 -11.86 21.07 -21.61
N TYR A 154 -11.72 20.57 -22.83
CA TYR A 154 -10.85 19.43 -23.10
C TYR A 154 -9.42 19.93 -23.17
N THR A 155 -8.59 19.50 -22.22
CA THR A 155 -7.21 19.95 -22.13
C THR A 155 -6.32 18.99 -22.91
N ARG A 156 -5.01 19.14 -22.75
CA ARG A 156 -4.03 18.33 -23.46
C ARG A 156 -3.36 17.36 -22.50
N GLY A 157 -3.10 16.15 -22.98
CA GLY A 157 -2.51 15.11 -22.17
C GLY A 157 -3.56 14.27 -21.48
N ASN A 158 -3.33 12.96 -21.41
CA ASN A 158 -4.28 12.06 -20.78
C ASN A 158 -4.39 12.36 -19.29
N GLN A 159 -5.56 12.10 -18.73
CA GLN A 159 -5.83 12.42 -17.34
C GLN A 159 -4.80 11.78 -16.42
N GLY A 160 -4.31 12.56 -15.45
CA GLY A 160 -3.32 12.09 -14.51
C GLY A 160 -1.88 12.26 -14.97
N GLU A 161 -1.66 12.48 -16.26
CA GLU A 161 -0.32 12.67 -16.78
C GLU A 161 0.22 14.04 -16.38
N ALA A 162 1.54 14.18 -16.47
CA ALA A 162 2.17 15.46 -16.14
C ALA A 162 1.71 16.56 -17.09
N LEU A 163 1.52 16.22 -18.37
CA LEU A 163 1.00 17.19 -19.32
C LEU A 163 -0.41 17.63 -18.94
N ALA A 164 -1.25 16.69 -18.50
CA ALA A 164 -2.60 17.05 -18.07
C ALA A 164 -2.56 17.95 -16.84
N ASN A 165 -1.66 17.66 -15.90
CA ASN A 165 -1.53 18.52 -14.72
C ASN A 165 -1.07 19.92 -15.12
N GLU A 166 -0.12 20.01 -16.05
CA GLU A 166 0.32 21.31 -16.53
C GLU A 166 -0.82 22.06 -17.21
N SER A 167 -1.63 21.34 -18.00
CA SER A 167 -2.76 21.97 -18.65
C SER A 167 -3.79 22.47 -17.64
N VAL A 168 -4.03 21.70 -16.58
CA VAL A 168 -4.96 22.12 -15.54
C VAL A 168 -4.42 23.37 -14.84
N GLU A 169 -3.11 23.40 -14.55
CA GLU A 169 -2.52 24.58 -13.94
C GLU A 169 -2.65 25.79 -14.86
N ALA A 170 -2.44 25.60 -16.17
CA ALA A 170 -2.59 26.68 -17.12
C ALA A 170 -4.03 27.19 -17.15
N VAL A 171 -5.00 26.27 -17.12
CA VAL A 171 -6.40 26.67 -17.11
C VAL A 171 -6.73 27.46 -15.86
N GLN A 172 -6.23 27.01 -14.71
CA GLN A 172 -6.47 27.74 -13.46
C GLN A 172 -5.85 29.12 -13.51
N ASP A 173 -4.64 29.23 -14.03
CA ASP A 173 -3.98 30.52 -14.14
C ASP A 173 -4.74 31.45 -15.09
N ILE A 174 -5.24 30.91 -16.20
CA ILE A 174 -6.02 31.71 -17.14
C ILE A 174 -7.30 32.20 -16.47
N VAL A 175 -7.97 31.33 -15.72
CA VAL A 175 -9.20 31.71 -15.04
C VAL A 175 -8.93 32.81 -14.02
N GLU A 176 -7.86 32.65 -13.24
CA GLU A 176 -7.53 33.66 -12.24
C GLU A 176 -7.06 34.97 -12.89
N SER A 177 -6.54 34.89 -14.11
CA SER A 177 -6.04 36.10 -14.77
C SER A 177 -7.18 37.06 -15.11
N VAL A 178 -8.29 36.55 -15.61
CA VAL A 178 -9.38 37.42 -16.02
C VAL A 178 -10.08 38.00 -14.80
N PRO A 179 -10.23 39.32 -14.70
CA PRO A 179 -10.87 39.91 -13.51
C PRO A 179 -12.36 39.58 -13.48
N ALA A 180 -12.78 38.91 -12.42
CA ALA A 180 -14.18 38.56 -12.26
C ALA A 180 -15.01 39.82 -11.98
N PRO A 181 -16.28 39.82 -12.38
CA PRO A 181 -17.16 40.95 -12.08
C PRO A 181 -17.48 41.00 -10.60
N PRO A 182 -18.28 41.97 -10.15
CA PRO A 182 -18.79 41.91 -8.78
C PRO A 182 -19.55 40.61 -8.54
N GLY A 183 -19.07 39.83 -7.58
CA GLY A 183 -19.59 38.49 -7.38
C GLY A 183 -19.12 37.57 -8.49
N VAL A 184 -19.76 36.40 -8.54
CA VAL A 184 -19.53 35.41 -9.59
C VAL A 184 -18.08 34.96 -9.58
N LYS A 185 -17.78 33.91 -8.81
CA LYS A 185 -16.45 33.32 -8.77
C LYS A 185 -16.39 32.12 -9.71
N ALA A 186 -15.24 31.95 -10.34
CA ALA A 186 -15.02 30.86 -11.29
C ALA A 186 -14.07 29.84 -10.67
N TYR A 187 -14.46 28.58 -10.68
CA TYR A 187 -13.65 27.49 -10.15
C TYR A 187 -13.37 26.49 -11.27
N VAL A 188 -12.19 25.89 -11.20
CA VAL A 188 -11.78 24.85 -12.12
C VAL A 188 -11.74 23.53 -11.36
N THR A 189 -12.58 22.59 -11.77
CA THR A 189 -12.69 21.29 -11.13
C THR A 189 -12.72 20.23 -12.21
N GLY A 190 -13.05 18.99 -11.84
CA GLY A 190 -13.15 17.94 -12.81
C GLY A 190 -12.11 16.86 -12.59
N PRO A 191 -12.18 15.80 -13.39
CA PRO A 191 -11.26 14.66 -13.16
C PRO A 191 -9.79 15.02 -13.32
N ALA A 192 -9.42 15.67 -14.41
CA ALA A 192 -8.04 16.10 -14.58
C ALA A 192 -7.64 17.09 -13.49
N ALA A 193 -8.53 18.03 -13.17
CA ALA A 193 -8.27 18.93 -12.07
C ALA A 193 -8.20 18.19 -10.75
N LEU A 194 -8.97 17.11 -10.60
CA LEU A 194 -8.89 16.31 -9.38
C LEU A 194 -7.51 15.67 -9.25
N SER A 195 -6.97 15.13 -10.34
CA SER A 195 -5.64 14.55 -10.30
C SER A 195 -4.58 15.60 -10.02
N ALA A 196 -4.68 16.77 -10.67
CA ALA A 196 -3.74 17.84 -10.40
C ALA A 196 -3.80 18.26 -8.94
N ASP A 197 -5.00 18.32 -8.37
CA ASP A 197 -5.16 18.70 -6.98
C ASP A 197 -4.63 17.62 -6.05
N GLN A 198 -4.72 16.35 -6.42
CA GLN A 198 -4.15 15.32 -5.57
C GLN A 198 -2.62 15.40 -5.57
N HIS A 199 -2.02 15.72 -6.72
CA HIS A 199 -0.58 15.98 -6.72
C HIS A 199 -0.24 17.20 -5.85
N VAL A 200 -1.07 18.25 -5.93
CA VAL A 200 -0.81 19.43 -5.11
C VAL A 200 -0.90 19.10 -3.62
N ALA A 201 -1.91 18.32 -3.24
CA ALA A 201 -2.07 17.94 -1.84
C ALA A 201 -0.90 17.09 -1.36
N SER A 202 -0.46 16.16 -2.20
CA SER A 202 0.70 15.36 -1.83
C SER A 202 1.95 16.21 -1.69
N ASP A 203 2.14 17.19 -2.58
CA ASP A 203 3.27 18.09 -2.44
C ASP A 203 3.19 18.87 -1.14
N ARG A 204 1.98 19.29 -0.77
CA ARG A 204 1.81 20.02 0.50
C ARG A 204 2.14 19.13 1.69
N SER A 205 1.71 17.87 1.66
CA SER A 205 1.80 17.02 2.84
C SER A 205 3.03 16.15 2.91
N VAL A 206 3.87 16.13 1.87
CA VAL A 206 5.03 15.24 1.88
C VAL A 206 6.04 15.69 2.95
N ARG A 207 6.22 17.00 3.09
CA ARG A 207 7.14 17.49 4.11
C ARG A 207 6.68 17.09 5.51
N VAL A 208 5.39 17.28 5.80
CA VAL A 208 4.89 16.97 7.13
C VAL A 208 4.89 15.46 7.38
N ILE A 209 4.60 14.66 6.35
CA ILE A 209 4.59 13.22 6.55
C ILE A 209 6.00 12.70 6.79
N GLU A 210 6.99 13.22 6.06
CA GLU A 210 8.37 12.81 6.27
C GLU A 210 8.86 13.26 7.65
N ALA A 211 8.48 14.48 8.07
CA ALA A 211 8.87 14.95 9.38
C ALA A 211 8.26 14.09 10.48
N LEU A 212 6.98 13.73 10.34
CA LEU A 212 6.35 12.88 11.35
C LEU A 212 6.98 11.49 11.38
N THR A 213 7.27 10.92 10.21
CA THR A 213 7.90 9.60 10.18
C THR A 213 9.27 9.63 10.84
N PHE A 214 10.07 10.66 10.54
CA PHE A 214 11.40 10.76 11.14
C PHE A 214 11.30 11.00 12.64
N ALA A 215 10.35 11.81 13.09
CA ALA A 215 10.18 12.02 14.52
C ALA A 215 9.78 10.73 15.24
N VAL A 216 8.87 9.97 14.62
CA VAL A 216 8.46 8.69 15.21
C VAL A 216 9.64 7.74 15.30
N ILE A 217 10.42 7.65 14.23
CA ILE A 217 11.59 6.77 14.24
C ILE A 217 12.58 7.21 15.31
N ILE A 218 12.85 8.52 15.38
CA ILE A 218 13.79 9.03 16.39
C ILE A 218 13.34 8.65 17.78
N THR A 219 12.08 8.94 18.12
CA THR A 219 11.59 8.67 19.46
C THR A 219 11.59 7.19 19.78
N MET A 220 11.12 6.37 18.85
CA MET A 220 10.98 4.95 19.17
C MET A 220 12.33 4.25 19.21
N LEU A 221 13.26 4.64 18.34
CA LEU A 221 14.61 4.09 18.45
C LEU A 221 15.32 4.58 19.69
N LEU A 222 15.02 5.81 20.14
CA LEU A 222 15.56 6.26 21.42
C LEU A 222 15.03 5.41 22.57
N LEU A 223 13.74 5.06 22.53
CA LEU A 223 13.21 4.16 23.55
C LEU A 223 13.84 2.78 23.47
N VAL A 224 14.08 2.28 22.26
CA VAL A 224 14.57 0.92 22.08
C VAL A 224 16.03 0.81 22.52
N TYR A 225 16.91 1.58 21.85
CA TYR A 225 18.35 1.43 22.09
C TYR A 225 18.81 2.21 23.31
N ARG A 226 18.15 3.31 23.64
CA ARG A 226 18.52 4.17 24.77
C ARG A 226 19.94 4.71 24.63
N SER A 227 20.49 4.72 23.42
CA SER A 227 21.82 5.22 23.16
C SER A 227 21.74 6.29 22.08
N ILE A 228 22.26 7.48 22.39
CA ILE A 228 22.17 8.58 21.44
C ILE A 228 23.06 8.32 20.22
N VAL A 229 24.27 7.78 20.45
CA VAL A 229 25.17 7.50 19.33
C VAL A 229 24.58 6.42 18.43
N THR A 230 24.02 5.37 19.03
CA THR A 230 23.44 4.29 18.24
C THR A 230 22.27 4.79 17.40
N VAL A 231 21.40 5.62 17.98
CA VAL A 231 20.26 6.10 17.20
C VAL A 231 20.71 7.09 16.13
N ILE A 232 21.71 7.93 16.40
CA ILE A 232 22.22 8.81 15.36
C ILE A 232 22.79 8.01 14.20
N LEU A 233 23.57 6.96 14.50
CA LEU A 233 24.11 6.14 13.41
C LEU A 233 23.02 5.39 12.67
N THR A 234 22.00 4.92 13.39
CA THR A 234 20.89 4.24 12.73
C THR A 234 20.16 5.18 11.78
N LEU A 235 19.91 6.41 12.21
CA LEU A 235 19.27 7.38 11.33
C LEU A 235 20.20 7.80 10.19
N VAL A 236 21.50 7.79 10.42
CA VAL A 236 22.43 8.04 9.30
C VAL A 236 22.25 6.97 8.25
N MET A 237 22.22 5.70 8.68
CA MET A 237 22.02 4.60 7.74
C MET A 237 20.67 4.71 7.04
N VAL A 238 19.62 5.04 7.80
CA VAL A 238 18.27 5.11 7.22
C VAL A 238 18.18 6.26 6.22
N VAL A 239 18.71 7.42 6.58
CA VAL A 239 18.66 8.58 5.70
C VAL A 239 19.46 8.33 4.43
N LEU A 240 20.64 7.73 4.57
CA LEU A 240 21.45 7.46 3.38
C LEU A 240 20.76 6.44 2.48
N SER A 241 20.19 5.38 3.05
CA SER A 241 19.49 4.39 2.23
C SER A 241 18.26 4.99 1.56
N LEU A 242 17.48 5.79 2.29
CA LEU A 242 16.30 6.41 1.72
C LEU A 242 16.67 7.39 0.63
N SER A 243 17.73 8.17 0.85
CA SER A 243 18.19 9.11 -0.18
C SER A 243 18.69 8.36 -1.41
N ALA A 244 19.36 7.22 -1.20
CA ALA A 244 19.77 6.41 -2.34
C ALA A 244 18.58 5.90 -3.12
N ALA A 245 17.54 5.44 -2.42
CA ALA A 245 16.34 4.95 -3.10
C ALA A 245 15.66 6.08 -3.87
N ARG A 246 15.49 7.23 -3.23
CA ARG A 246 14.85 8.36 -3.88
C ARG A 246 15.67 8.82 -5.07
N GLY A 247 17.00 8.86 -4.93
CA GLY A 247 17.85 9.27 -6.03
C GLY A 247 17.79 8.29 -7.20
N MET A 248 17.81 7.00 -6.92
CA MET A 248 17.72 6.02 -8.00
C MET A 248 16.38 6.10 -8.71
N ILE A 249 15.29 6.21 -7.95
CA ILE A 249 13.98 6.27 -8.58
C ILE A 249 13.81 7.58 -9.35
N ALA A 250 14.34 8.68 -8.83
CA ALA A 250 14.29 9.95 -9.55
C ALA A 250 15.13 9.89 -10.82
N PHE A 251 16.30 9.23 -10.75
CA PHE A 251 17.13 9.07 -11.94
C PHE A 251 16.40 8.25 -12.99
N LEU A 252 15.70 7.20 -12.59
CA LEU A 252 14.95 6.39 -13.53
C LEU A 252 13.78 7.17 -14.12
N GLY A 253 13.04 7.89 -13.28
CA GLY A 253 11.88 8.63 -13.77
C GLY A 253 12.27 9.78 -14.68
N TYR A 254 13.33 10.50 -14.34
CA TYR A 254 13.74 11.66 -15.13
C TYR A 254 14.19 11.25 -16.53
N HIS A 255 14.66 10.02 -16.69
CA HIS A 255 15.07 9.50 -17.99
C HIS A 255 13.98 8.72 -18.69
N GLU A 256 12.76 8.75 -18.14
CA GLU A 256 11.59 8.12 -18.75
C GLU A 256 11.73 6.61 -18.86
N ILE A 257 12.75 6.03 -18.23
CA ILE A 257 12.97 4.59 -18.35
C ILE A 257 11.87 3.83 -17.61
N ILE A 258 11.25 4.45 -16.60
CA ILE A 258 10.11 3.88 -15.91
C ILE A 258 9.05 4.96 -15.74
N GLY A 259 7.82 4.51 -15.51
CA GLY A 259 6.76 5.41 -15.13
C GLY A 259 6.86 5.77 -13.66
N LEU A 260 6.02 6.72 -13.25
CA LEU A 260 6.02 7.16 -11.86
C LEU A 260 4.68 7.82 -11.57
N SER A 261 4.30 7.79 -10.29
CA SER A 261 3.03 8.35 -9.88
C SER A 261 3.15 8.90 -8.47
N VAL A 262 2.16 9.71 -8.07
CA VAL A 262 2.15 10.28 -6.73
C VAL A 262 2.08 9.17 -5.67
N PHE A 263 1.25 8.16 -5.91
CA PHE A 263 1.21 7.02 -5.01
C PHE A 263 2.57 6.35 -4.94
N ALA A 264 3.23 6.19 -6.09
CA ALA A 264 4.56 5.60 -6.10
C ALA A 264 5.52 6.41 -5.25
N THR A 265 5.52 7.73 -5.40
CA THR A 265 6.47 8.57 -4.65
C THR A 265 6.22 8.46 -3.15
N ASN A 266 4.97 8.66 -2.71
CA ASN A 266 4.69 8.66 -1.28
C ASN A 266 4.93 7.28 -0.68
N LEU A 267 4.37 6.24 -1.29
CA LEU A 267 4.53 4.89 -0.77
C LEU A 267 5.99 4.47 -0.79
N LEU A 268 6.74 4.88 -1.81
CA LEU A 268 8.15 4.53 -1.87
C LEU A 268 8.94 5.21 -0.78
N THR A 269 8.68 6.50 -0.53
CA THR A 269 9.36 7.17 0.56
C THR A 269 9.11 6.46 1.88
N THR A 270 7.83 6.20 2.19
CA THR A 270 7.53 5.59 3.47
C THR A 270 8.05 4.16 3.57
N LEU A 271 7.86 3.36 2.52
CA LEU A 271 8.35 1.98 2.53
C LEU A 271 9.87 1.94 2.62
N ALA A 272 10.55 2.82 1.89
CA ALA A 272 12.01 2.84 1.94
C ALA A 272 12.50 3.17 3.34
N ILE A 273 11.95 4.23 3.94
CA ILE A 273 12.42 4.62 5.27
C ILE A 273 12.11 3.51 6.29
N ALA A 274 10.90 2.95 6.21
CA ALA A 274 10.48 1.97 7.21
C ALA A 274 11.24 0.65 7.06
N ALA A 275 11.40 0.16 5.84
CA ALA A 275 12.15 -1.08 5.66
C ALA A 275 13.64 -0.88 5.92
N ALA A 276 14.18 0.29 5.58
CA ALA A 276 15.58 0.56 5.89
C ALA A 276 15.82 0.55 7.39
N THR A 277 14.93 1.19 8.15
CA THR A 277 15.11 1.15 9.60
C THR A 277 14.79 -0.22 10.16
N ASP A 278 13.95 -1.01 9.49
CA ASP A 278 13.75 -2.40 9.93
C ASP A 278 15.02 -3.21 9.75
N TYR A 279 15.68 -3.07 8.61
CA TYR A 279 16.94 -3.79 8.39
C TYR A 279 18.01 -3.29 9.36
N ALA A 280 18.03 -1.99 9.63
CA ALA A 280 18.93 -1.45 10.63
C ALA A 280 18.66 -2.07 12.00
N ILE A 281 17.38 -2.18 12.37
CA ILE A 281 17.03 -2.78 13.65
C ILE A 281 17.45 -4.24 13.69
N PHE A 282 17.20 -4.98 12.60
CA PHE A 282 17.60 -6.38 12.56
C PHE A 282 19.10 -6.52 12.79
N LEU A 283 19.90 -5.81 12.00
CA LEU A 283 21.34 -5.96 12.09
C LEU A 283 21.86 -5.48 13.45
N ILE A 284 21.38 -4.33 13.91
CA ILE A 284 21.87 -3.78 15.17
C ILE A 284 21.47 -4.67 16.33
N GLY A 285 20.23 -5.16 16.35
CA GLY A 285 19.80 -6.03 17.43
C GLY A 285 20.54 -7.35 17.45
N ARG A 286 20.77 -7.94 16.28
CA ARG A 286 21.55 -9.18 16.24
C ARG A 286 22.99 -8.95 16.69
N TYR A 287 23.59 -7.84 16.25
CA TYR A 287 24.95 -7.52 16.69
C TYR A 287 25.01 -7.30 18.19
N GLN A 288 24.02 -6.60 18.75
CA GLN A 288 23.99 -6.35 20.18
C GLN A 288 23.77 -7.64 20.96
N GLU A 289 22.93 -8.53 20.45
CA GLU A 289 22.74 -9.83 21.10
C GLU A 289 24.03 -10.64 21.09
N ALA A 290 24.73 -10.64 19.96
CA ALA A 290 26.01 -11.34 19.89
C ALA A 290 27.02 -10.74 20.85
N ARG A 291 27.03 -9.42 20.98
CA ARG A 291 27.91 -8.77 21.94
C ARG A 291 27.55 -9.15 23.38
N SER A 292 26.26 -9.17 23.69
CA SER A 292 25.82 -9.49 25.05
C SER A 292 26.08 -10.95 25.40
N VAL A 293 26.08 -11.83 24.40
CA VAL A 293 26.41 -13.23 24.65
C VAL A 293 27.85 -13.35 25.15
N GLY A 294 28.77 -12.60 24.54
CA GLY A 294 30.14 -12.60 24.98
C GLY A 294 31.14 -12.55 23.84
N GLU A 295 30.64 -12.61 22.61
CA GLU A 295 31.51 -12.57 21.45
C GLU A 295 32.15 -11.20 21.29
N ASP A 296 33.40 -11.20 20.83
CA ASP A 296 34.11 -9.95 20.61
C ASP A 296 33.50 -9.20 19.42
N ARG A 297 33.97 -7.97 19.20
CA ARG A 297 33.38 -7.11 18.18
C ARG A 297 33.44 -7.74 16.80
N GLU A 298 34.60 -8.28 16.43
CA GLU A 298 34.72 -8.93 15.12
C GLU A 298 33.85 -10.17 15.04
N GLN A 299 33.91 -11.02 16.06
CA GLN A 299 33.11 -12.24 16.08
C GLN A 299 31.62 -11.91 16.14
N SER A 300 31.26 -10.90 16.94
CA SER A 300 29.85 -10.50 17.01
C SER A 300 29.35 -10.00 15.67
N TYR A 301 30.15 -9.19 14.97
CA TYR A 301 29.74 -8.71 13.66
C TYR A 301 29.61 -9.85 12.67
N TYR A 302 30.55 -10.80 12.69
CA TYR A 302 30.48 -11.92 11.76
C TYR A 302 29.26 -12.80 12.05
N THR A 303 28.96 -13.05 13.32
CA THR A 303 27.77 -13.78 13.68
C THR A 303 26.52 -13.04 13.23
N MET A 304 26.49 -11.73 13.45
CA MET A 304 25.36 -10.92 13.01
C MET A 304 25.16 -11.04 11.50
N PHE A 305 26.24 -10.95 10.73
CA PHE A 305 26.10 -11.07 9.29
C PHE A 305 25.61 -12.45 8.90
N HIS A 306 26.29 -13.49 9.37
CA HIS A 306 25.95 -14.86 8.97
C HIS A 306 24.55 -15.26 9.43
N SER A 307 23.97 -14.56 10.39
CA SER A 307 22.63 -14.91 10.87
C SER A 307 21.55 -13.93 10.44
N THR A 308 21.91 -12.77 9.88
CA THR A 308 20.91 -11.75 9.57
C THR A 308 21.04 -11.17 8.17
N ALA A 309 22.21 -11.22 7.52
CA ALA A 309 22.33 -10.70 6.18
C ALA A 309 21.46 -11.47 5.21
N HIS A 310 21.43 -12.81 5.34
CA HIS A 310 20.59 -13.60 4.45
C HIS A 310 19.11 -13.29 4.67
N VAL A 311 18.69 -13.12 5.92
CA VAL A 311 17.28 -12.84 6.16
C VAL A 311 16.92 -11.44 5.71
N VAL A 312 17.85 -10.48 5.80
CA VAL A 312 17.57 -9.13 5.31
C VAL A 312 17.49 -9.13 3.79
N LEU A 313 18.40 -9.84 3.13
CA LEU A 313 18.34 -9.96 1.67
C LEU A 313 17.04 -10.62 1.24
N GLY A 314 16.62 -11.67 1.97
CA GLY A 314 15.37 -12.31 1.64
C GLY A 314 14.16 -11.42 1.89
N SER A 315 14.21 -10.64 2.98
CA SER A 315 13.16 -9.67 3.25
C SER A 315 13.02 -8.68 2.12
N GLY A 316 14.16 -8.16 1.64
CA GLY A 316 14.13 -7.25 0.52
C GLY A 316 13.69 -7.90 -0.76
N MET A 317 14.09 -9.15 -1.00
CA MET A 317 13.62 -9.86 -2.17
C MET A 317 12.11 -10.02 -2.14
N THR A 318 11.55 -10.34 -0.96
CA THR A 318 10.10 -10.47 -0.84
C THR A 318 9.40 -9.14 -1.08
N ILE A 319 9.91 -8.05 -0.49
CA ILE A 319 9.27 -6.75 -0.68
C ILE A 319 9.33 -6.34 -2.15
N ALA A 320 10.52 -6.47 -2.76
CA ALA A 320 10.68 -6.09 -4.15
C ALA A 320 9.82 -6.94 -5.06
N GLY A 321 9.75 -8.24 -4.81
CA GLY A 321 8.92 -9.10 -5.65
C GLY A 321 7.44 -8.83 -5.49
N ALA A 322 6.99 -8.59 -4.25
CA ALA A 322 5.59 -8.28 -4.02
C ALA A 322 5.20 -7.00 -4.73
N THR A 323 6.05 -5.97 -4.64
CA THR A 323 5.76 -4.72 -5.36
C THR A 323 5.84 -4.93 -6.87
N LEU A 324 6.84 -5.69 -7.33
CA LEU A 324 7.01 -5.97 -8.75
C LEU A 324 5.83 -6.73 -9.35
N CYS A 325 5.14 -7.53 -8.54
CA CYS A 325 3.95 -8.21 -9.03
C CYS A 325 2.86 -7.23 -9.43
N LEU A 326 2.95 -5.97 -8.98
CA LEU A 326 2.05 -4.93 -9.45
C LEU A 326 2.44 -4.39 -10.82
N HIS A 327 3.62 -4.75 -11.32
CA HIS A 327 4.01 -4.30 -12.66
C HIS A 327 3.30 -5.09 -13.75
N PHE A 328 2.99 -6.37 -13.49
CA PHE A 328 2.28 -7.20 -14.43
C PHE A 328 0.78 -6.92 -14.46
N THR A 329 0.36 -5.83 -13.86
CA THR A 329 -1.05 -5.44 -13.83
C THR A 329 -1.36 -4.58 -15.06
N ARG A 330 -2.53 -3.95 -15.07
CA ARG A 330 -2.99 -3.21 -16.24
C ARG A 330 -3.15 -1.72 -16.00
N MET A 331 -3.63 -1.30 -14.82
CA MET A 331 -3.81 0.13 -14.64
C MET A 331 -2.47 0.81 -14.36
N PRO A 332 -2.30 2.06 -14.77
CA PRO A 332 -1.02 2.75 -14.54
C PRO A 332 -0.75 3.08 -13.08
N TYR A 333 -1.78 3.22 -12.24
CA TYR A 333 -1.53 3.48 -10.83
C TYR A 333 -0.93 2.27 -10.12
N PHE A 334 -1.00 1.09 -10.70
CA PHE A 334 -0.32 -0.07 -10.15
C PHE A 334 0.92 -0.46 -10.94
N GLN A 335 0.95 -0.19 -12.25
CA GLN A 335 2.19 -0.33 -12.99
C GLN A 335 3.24 0.65 -12.49
N SER A 336 2.79 1.78 -11.94
CA SER A 336 3.69 2.76 -11.34
C SER A 336 4.16 2.35 -9.95
N LEU A 337 3.48 1.40 -9.32
CA LEU A 337 3.98 0.80 -8.09
C LEU A 337 4.78 -0.45 -8.36
N GLY A 338 4.66 -1.04 -9.54
CA GLY A 338 5.38 -2.26 -9.84
C GLY A 338 6.88 -2.10 -9.91
N ILE A 339 7.37 -1.40 -10.93
CA ILE A 339 8.80 -1.27 -11.19
C ILE A 339 9.44 -0.26 -10.22
N PRO A 340 8.88 0.94 -10.04
CA PRO A 340 9.55 1.90 -9.14
C PRO A 340 9.71 1.40 -7.71
N LEU A 341 8.65 0.85 -7.12
CA LEU A 341 8.79 0.32 -5.76
C LEU A 341 9.77 -0.85 -5.74
N ALA A 342 9.74 -1.70 -6.75
CA ALA A 342 10.65 -2.85 -6.77
C ALA A 342 12.10 -2.39 -6.75
N ILE A 343 12.45 -1.46 -7.65
CA ILE A 343 13.84 -1.01 -7.72
C ILE A 343 14.21 -0.20 -6.48
N GLY A 344 13.28 0.64 -5.98
CA GLY A 344 13.57 1.39 -4.78
C GLY A 344 13.82 0.50 -3.59
N MET A 345 13.00 -0.52 -3.40
CA MET A 345 13.21 -1.43 -2.28
C MET A 345 14.48 -2.26 -2.48
N SER A 346 14.77 -2.65 -3.71
CA SER A 346 16.01 -3.40 -3.96
C SER A 346 17.23 -2.56 -3.60
N VAL A 347 17.23 -1.27 -3.99
CA VAL A 347 18.38 -0.45 -3.66
C VAL A 347 18.41 -0.13 -2.17
N VAL A 348 17.25 -0.05 -1.51
CA VAL A 348 17.24 0.08 -0.05
C VAL A 348 17.90 -1.13 0.59
N VAL A 349 17.61 -2.33 0.10
CA VAL A 349 18.14 -3.53 0.72
C VAL A 349 19.63 -3.67 0.46
N LEU A 350 20.08 -3.34 -0.75
CA LEU A 350 21.52 -3.30 -0.99
C LEU A 350 22.19 -2.26 -0.10
N ALA A 351 21.56 -1.09 0.05
CA ALA A 351 22.12 -0.07 0.93
C ALA A 351 22.21 -0.57 2.36
N SER A 352 21.18 -1.24 2.85
CA SER A 352 21.23 -1.82 4.18
C SER A 352 22.39 -2.82 4.26
N LEU A 353 22.29 -3.91 3.50
CA LEU A 353 23.24 -5.00 3.60
C LEU A 353 24.68 -4.54 3.46
N THR A 354 24.95 -3.52 2.63
CA THR A 354 26.33 -3.09 2.43
C THR A 354 26.70 -1.94 3.36
N MET A 355 26.01 -0.81 3.21
CA MET A 355 26.36 0.39 3.95
C MET A 355 26.12 0.24 5.45
N GLY A 356 24.99 -0.33 5.85
CA GLY A 356 24.73 -0.50 7.27
C GLY A 356 25.70 -1.46 7.93
N ALA A 357 26.03 -2.56 7.24
CA ALA A 357 27.02 -3.48 7.77
C ALA A 357 28.38 -2.82 7.87
N ALA A 358 28.75 -2.01 6.87
CA ALA A 358 30.03 -1.31 6.91
C ALA A 358 30.07 -0.29 8.05
N ILE A 359 28.96 0.43 8.26
CA ILE A 359 28.89 1.38 9.36
C ILE A 359 28.98 0.67 10.70
N ILE A 360 28.32 -0.47 10.83
CA ILE A 360 28.45 -1.26 12.06
C ILE A 360 29.90 -1.69 12.26
N SER A 361 30.56 -2.13 11.18
CA SER A 361 31.95 -2.55 11.27
C SER A 361 32.86 -1.42 11.72
N VAL A 362 32.72 -0.25 11.11
CA VAL A 362 33.62 0.85 11.46
C VAL A 362 33.31 1.39 12.85
N ALA A 363 32.02 1.43 13.22
CA ALA A 363 31.66 1.92 14.55
C ALA A 363 32.10 0.95 15.64
N SER A 364 32.19 -0.34 15.32
CA SER A 364 32.66 -1.31 16.30
C SER A 364 34.08 -0.98 16.74
N ARG A 365 34.94 -0.60 15.80
CA ARG A 365 36.32 -0.26 16.13
C ARG A 365 36.45 1.03 16.91
N PHE A 366 35.40 1.85 16.97
CA PHE A 366 35.45 3.16 17.61
C PHE A 366 34.63 3.13 18.90
N GLY A 367 35.31 3.13 20.03
CA GLY A 367 34.63 3.25 21.32
C GLY A 367 33.66 2.13 21.57
N LYS A 368 32.53 2.48 22.18
CA LYS A 368 31.48 1.54 22.54
C LYS A 368 30.13 2.02 22.00
N THR A 369 30.11 2.44 20.74
CA THR A 369 28.91 3.03 20.16
C THR A 369 27.77 2.02 20.09
N PHE A 370 28.02 0.85 19.52
CA PHE A 370 26.97 -0.13 19.30
C PHE A 370 26.87 -1.17 20.39
N GLU A 371 27.66 -1.04 21.46
CA GLU A 371 27.47 -1.90 22.62
C GLU A 371 26.10 -1.62 23.23
N PRO A 372 25.30 -2.64 23.52
CA PRO A 372 23.99 -2.39 24.12
C PRO A 372 24.12 -1.72 25.47
N LYS A 373 23.28 -0.70 25.71
CA LYS A 373 23.31 0.02 26.97
C LYS A 373 22.52 -0.67 28.07
N ARG A 374 21.77 -1.72 27.74
CA ARG A 374 21.00 -2.45 28.74
C ARG A 374 20.90 -3.90 28.31
N ALA A 375 20.68 -4.77 29.28
CA ALA A 375 20.46 -6.18 28.97
C ALA A 375 19.19 -6.34 28.14
N MET A 376 19.30 -7.09 27.05
CA MET A 376 18.17 -7.26 26.15
C MET A 376 17.06 -8.06 26.83
N ARG A 377 15.82 -7.66 26.57
CA ARG A 377 14.66 -8.27 27.21
C ARG A 377 14.41 -9.63 26.58
N THR A 378 14.84 -10.69 27.26
CA THR A 378 14.60 -12.05 26.82
C THR A 378 13.70 -12.84 27.75
N ARG A 379 13.75 -12.58 29.06
CA ARG A 379 13.00 -13.37 30.02
C ARG A 379 11.51 -13.39 29.68
N GLY A 380 10.94 -12.21 29.40
CA GLY A 380 9.54 -12.17 29.01
C GLY A 380 9.27 -12.88 27.70
N TRP A 381 10.12 -12.65 26.71
CA TRP A 381 9.93 -13.30 25.42
C TRP A 381 10.20 -14.79 25.50
N ARG A 382 11.19 -15.20 26.32
CA ARG A 382 11.39 -16.63 26.54
C ARG A 382 10.17 -17.26 27.20
N LYS A 383 9.59 -16.58 28.19
CA LYS A 383 8.39 -17.09 28.84
C LYS A 383 7.26 -17.23 27.83
N LEU A 384 7.08 -16.23 26.97
CA LEU A 384 6.04 -16.28 25.96
C LEU A 384 6.28 -17.44 24.99
N GLY A 385 7.54 -17.65 24.60
CA GLY A 385 7.85 -18.77 23.72
C GLY A 385 7.59 -20.11 24.37
N ALA A 386 7.89 -20.22 25.67
CA ALA A 386 7.59 -21.45 26.40
C ALA A 386 6.09 -21.69 26.46
N ALA A 387 5.31 -20.64 26.69
CA ALA A 387 3.86 -20.77 26.68
C ALA A 387 3.36 -21.23 25.31
N VAL A 388 3.93 -20.68 24.24
CA VAL A 388 3.55 -21.08 22.90
C VAL A 388 3.89 -22.54 22.66
N VAL A 389 5.09 -22.95 23.06
CA VAL A 389 5.56 -24.29 22.75
C VAL A 389 4.78 -25.34 23.52
N ARG A 390 4.60 -25.13 24.83
CA ARG A 390 3.99 -26.17 25.65
C ARG A 390 2.54 -26.40 25.26
N TRP A 391 1.80 -25.35 24.94
CA TRP A 391 0.40 -25.44 24.54
C TRP A 391 0.24 -24.76 23.19
N PRO A 392 0.70 -25.40 22.12
CA PRO A 392 0.66 -24.76 20.80
C PRO A 392 -0.73 -24.77 20.19
N ALA A 393 -1.48 -25.85 20.41
CA ALA A 393 -2.82 -25.93 19.84
C ALA A 393 -3.77 -24.87 20.41
N PRO A 394 -3.88 -24.67 21.72
CA PRO A 394 -4.80 -23.61 22.19
C PRO A 394 -4.38 -22.23 21.74
N ILE A 395 -3.08 -21.93 21.76
CA ILE A 395 -2.61 -20.61 21.32
C ILE A 395 -2.90 -20.40 19.84
N LEU A 396 -2.65 -21.43 19.03
CA LEU A 396 -2.91 -21.32 17.60
C LEU A 396 -4.39 -21.15 17.31
N VAL A 397 -5.25 -21.90 18.01
CA VAL A 397 -6.68 -21.74 17.81
C VAL A 397 -7.12 -20.33 18.22
N THR A 398 -6.61 -19.85 19.34
CA THR A 398 -6.97 -18.51 19.81
C THR A 398 -6.57 -17.45 18.79
N THR A 399 -5.33 -17.53 18.29
CA THR A 399 -4.88 -16.49 17.36
C THR A 399 -5.56 -16.61 16.00
N ILE A 400 -5.84 -17.84 15.55
CA ILE A 400 -6.58 -18.02 14.30
C ILE A 400 -7.97 -17.40 14.42
N ALA A 401 -8.66 -17.66 15.52
CA ALA A 401 -9.98 -17.07 15.72
C ALA A 401 -9.90 -15.56 15.81
N LEU A 402 -8.90 -15.06 16.56
CA LEU A 402 -8.80 -13.62 16.78
C LEU A 402 -8.36 -12.88 15.53
N SER A 403 -7.76 -13.58 14.57
CA SER A 403 -7.41 -12.97 13.31
C SER A 403 -8.46 -13.17 12.23
N VAL A 404 -9.28 -14.21 12.33
CA VAL A 404 -10.36 -14.42 11.37
C VAL A 404 -11.57 -13.57 11.74
N VAL A 405 -11.73 -13.23 13.02
CA VAL A 405 -12.86 -12.41 13.43
C VAL A 405 -12.86 -11.06 12.73
N GLY A 406 -11.70 -10.64 12.20
CA GLY A 406 -11.67 -9.46 11.35
C GLY A 406 -12.48 -9.60 10.08
N LEU A 407 -12.58 -10.81 9.54
CA LEU A 407 -13.34 -11.03 8.31
C LEU A 407 -14.82 -10.72 8.46
N LEU A 408 -15.28 -10.31 9.64
CA LEU A 408 -16.67 -9.92 9.83
C LEU A 408 -17.00 -8.60 9.15
N ALA A 409 -16.01 -7.88 8.65
CA ALA A 409 -16.26 -6.60 7.98
C ALA A 409 -16.69 -6.76 6.54
N LEU A 410 -16.63 -7.98 5.99
CA LEU A 410 -17.06 -8.19 4.61
C LEU A 410 -18.52 -7.82 4.39
N PRO A 411 -19.49 -8.24 5.22
CA PRO A 411 -20.87 -7.78 5.00
C PRO A 411 -21.03 -6.32 5.40
N GLY A 412 -20.61 -5.42 4.51
CA GLY A 412 -20.70 -4.00 4.78
C GLY A 412 -19.50 -3.22 4.28
N TYR A 413 -18.47 -3.94 3.85
CA TYR A 413 -17.28 -3.28 3.32
C TYR A 413 -17.60 -2.57 2.02
N GLN A 414 -17.12 -1.33 1.90
CA GLN A 414 -17.36 -0.52 0.71
C GLN A 414 -16.02 -0.09 0.12
N THR A 415 -16.03 0.16 -1.19
CA THR A 415 -14.82 0.47 -1.95
C THR A 415 -15.02 1.73 -2.79
N ASN A 416 -15.52 2.78 -2.14
CA ASN A 416 -15.87 4.01 -2.82
C ASN A 416 -14.69 4.57 -3.61
N TYR A 417 -14.93 4.86 -4.89
CA TYR A 417 -13.90 5.37 -5.80
C TYR A 417 -13.90 6.88 -5.88
N ASN A 418 -14.73 7.56 -5.10
CA ASN A 418 -14.92 8.99 -5.24
C ASN A 418 -13.72 9.74 -4.65
N ASP A 419 -12.86 10.27 -5.50
CA ASP A 419 -11.70 11.00 -5.02
C ASP A 419 -12.07 12.33 -4.37
N ARG A 420 -13.33 12.76 -4.48
CA ARG A 420 -13.77 13.96 -3.78
C ARG A 420 -13.51 13.83 -2.28
N ARG A 421 -13.88 12.69 -1.69
CA ARG A 421 -13.78 12.52 -0.25
C ARG A 421 -12.35 12.30 0.21
N TYR A 422 -11.45 11.91 -0.69
CA TYR A 422 -10.06 11.60 -0.32
C TYR A 422 -9.11 12.75 -0.62
N LEU A 423 -9.62 13.96 -0.75
CA LEU A 423 -8.80 15.13 -0.99
C LEU A 423 -9.26 16.26 -0.08
N PRO A 424 -8.35 17.17 0.29
CA PRO A 424 -8.73 18.30 1.12
C PRO A 424 -9.81 19.14 0.45
N GLN A 425 -10.75 19.63 1.26
CA GLN A 425 -11.87 20.39 0.72
C GLN A 425 -11.48 21.79 0.26
N ASP A 426 -10.31 22.28 0.64
CA ASP A 426 -9.87 23.61 0.25
C ASP A 426 -9.15 23.61 -1.10
N LEU A 427 -8.94 22.45 -1.71
CA LEU A 427 -8.27 22.41 -3.00
C LEU A 427 -9.18 22.97 -4.09
N PRO A 428 -8.60 23.49 -5.17
CA PRO A 428 -9.43 24.07 -6.24
C PRO A 428 -10.45 23.11 -6.82
N ALA A 429 -10.10 21.84 -7.05
CA ALA A 429 -11.05 20.90 -7.63
C ALA A 429 -12.17 20.58 -6.65
N ASN A 430 -11.83 20.37 -5.38
CA ASN A 430 -12.86 20.10 -4.39
C ASN A 430 -13.78 21.29 -4.19
N THR A 431 -13.22 22.51 -4.20
CA THR A 431 -14.07 23.69 -4.10
C THR A 431 -14.97 23.85 -5.32
N GLY A 432 -14.44 23.51 -6.50
CA GLY A 432 -15.26 23.55 -7.69
C GLY A 432 -16.41 22.56 -7.64
N TYR A 433 -16.13 21.34 -7.16
CA TYR A 433 -17.19 20.37 -6.94
C TYR A 433 -18.20 20.85 -5.91
N ALA A 434 -17.73 21.48 -4.84
CA ALA A 434 -18.64 22.00 -3.82
C ALA A 434 -19.55 23.08 -4.40
N ALA A 435 -18.99 23.97 -5.21
CA ALA A 435 -19.81 25.00 -5.85
C ALA A 435 -20.79 24.39 -6.83
N ALA A 436 -20.37 23.36 -7.57
CA ALA A 436 -21.26 22.70 -8.50
C ALA A 436 -22.42 22.03 -7.80
N ASP A 437 -22.14 21.33 -6.69
CA ASP A 437 -23.20 20.63 -5.96
C ASP A 437 -24.20 21.58 -5.34
N ARG A 438 -23.82 22.84 -5.14
CA ARG A 438 -24.75 23.81 -4.56
C ARG A 438 -25.83 24.23 -5.54
N HIS A 439 -25.62 24.02 -6.84
CA HIS A 439 -26.60 24.46 -7.84
C HIS A 439 -26.93 23.34 -8.82
N PHE A 440 -26.00 22.43 -9.04
CA PHE A 440 -26.25 21.27 -9.89
C PHE A 440 -26.33 20.01 -9.05
N SER A 441 -26.79 18.93 -9.68
CA SER A 441 -26.70 17.62 -9.05
C SER A 441 -25.25 17.15 -9.07
N GLN A 442 -24.97 16.13 -8.25
CA GLN A 442 -23.61 15.61 -8.18
C GLN A 442 -23.18 14.98 -9.50
N ALA A 443 -24.12 14.37 -10.22
CA ALA A 443 -23.76 13.66 -11.45
C ALA A 443 -23.51 14.58 -12.63
N ARG A 444 -24.16 15.75 -12.66
CA ARG A 444 -24.00 16.65 -13.80
C ARG A 444 -22.56 17.05 -14.04
N MET A 445 -21.76 17.16 -12.97
CA MET A 445 -20.43 17.73 -13.11
C MET A 445 -19.45 16.75 -13.74
N ASN A 446 -19.85 15.49 -13.94
CA ASN A 446 -19.02 14.49 -14.60
C ASN A 446 -19.84 13.86 -15.73
N PRO A 447 -19.99 14.55 -16.85
CA PRO A 447 -20.85 14.04 -17.93
C PRO A 447 -20.23 12.89 -18.70
N GLU A 448 -21.00 12.33 -19.63
CA GLU A 448 -20.57 11.19 -20.44
C GLU A 448 -20.76 11.52 -21.91
N LEU A 449 -19.78 11.16 -22.73
CA LEU A 449 -19.84 11.34 -24.17
C LEU A 449 -20.25 10.03 -24.82
N LEU A 450 -21.32 10.06 -25.59
CA LEU A 450 -21.78 8.89 -26.34
C LEU A 450 -21.77 9.23 -27.83
N MET A 451 -21.43 8.26 -28.66
CA MET A 451 -21.43 8.45 -30.10
C MET A 451 -22.07 7.25 -30.81
N ILE A 452 -22.57 7.53 -32.01
CA ILE A 452 -22.79 6.51 -33.02
C ILE A 452 -22.18 7.02 -34.31
N GLU A 453 -21.41 6.17 -35.00
CA GLU A 453 -20.70 6.57 -36.20
C GLU A 453 -21.39 5.93 -37.41
N SER A 454 -22.08 6.76 -38.19
CA SER A 454 -22.76 6.29 -39.39
C SER A 454 -21.82 6.31 -40.58
N ASP A 455 -21.85 5.24 -41.36
CA ASP A 455 -21.01 5.17 -42.56
C ASP A 455 -21.40 6.22 -43.58
N HIS A 456 -22.67 6.62 -43.62
CA HIS A 456 -23.17 7.61 -44.54
C HIS A 456 -23.38 8.94 -43.81
N ASP A 457 -23.74 9.96 -44.57
CA ASP A 457 -23.99 11.28 -43.99
C ASP A 457 -25.17 11.22 -43.03
N LEU A 458 -25.00 11.85 -41.87
CA LEU A 458 -25.96 11.72 -40.79
C LEU A 458 -26.90 12.92 -40.68
N ARG A 459 -26.80 13.88 -41.59
CA ARG A 459 -27.66 15.07 -41.56
C ARG A 459 -28.91 14.82 -42.42
N ASN A 460 -29.74 13.90 -41.93
CA ASN A 460 -30.97 13.53 -42.60
C ASN A 460 -32.10 13.48 -41.58
N SER A 461 -33.32 13.77 -42.06
CA SER A 461 -34.48 13.80 -41.17
C SER A 461 -34.71 12.45 -40.50
N ALA A 462 -34.60 11.37 -41.27
CA ALA A 462 -34.70 10.04 -40.66
C ALA A 462 -33.58 9.82 -39.66
N ASP A 463 -32.36 10.25 -40.00
CA ASP A 463 -31.25 10.14 -39.06
C ASP A 463 -31.51 10.96 -37.80
N PHE A 464 -32.08 12.16 -37.95
CA PHE A 464 -32.34 12.98 -36.77
C PHE A 464 -33.44 12.39 -35.89
N LEU A 465 -34.47 11.79 -36.49
CA LEU A 465 -35.47 11.14 -35.66
C LEU A 465 -34.91 9.89 -34.98
N VAL A 466 -33.99 9.19 -35.64
CA VAL A 466 -33.30 8.08 -34.99
C VAL A 466 -32.47 8.61 -33.81
N VAL A 467 -31.82 9.76 -33.99
CA VAL A 467 -31.05 10.35 -32.90
C VAL A 467 -31.96 10.73 -31.74
N ASP A 468 -33.14 11.27 -32.05
CA ASP A 468 -34.11 11.57 -31.00
C ASP A 468 -34.56 10.31 -30.28
N ARG A 469 -34.77 9.23 -31.03
CA ARG A 469 -35.13 7.95 -30.40
C ARG A 469 -34.02 7.47 -29.47
N ILE A 470 -32.76 7.61 -29.91
CA ILE A 470 -31.64 7.21 -29.06
C ILE A 470 -31.59 8.05 -27.79
N ALA A 471 -31.80 9.36 -27.92
CA ALA A 471 -31.81 10.23 -26.76
C ALA A 471 -32.92 9.84 -25.79
N LYS A 472 -34.11 9.56 -26.31
CA LYS A 472 -35.21 9.13 -25.46
C LYS A 472 -34.89 7.82 -24.76
N ARG A 473 -34.30 6.87 -25.48
CA ARG A 473 -33.99 5.58 -24.89
C ARG A 473 -32.95 5.71 -23.79
N VAL A 474 -31.93 6.54 -24.01
CA VAL A 474 -30.92 6.75 -22.98
C VAL A 474 -31.52 7.47 -21.78
N PHE A 475 -32.45 8.41 -22.04
CA PHE A 475 -33.12 9.09 -20.94
C PHE A 475 -33.93 8.11 -20.10
N GLN A 476 -34.62 7.17 -20.76
CA GLN A 476 -35.44 6.21 -20.04
C GLN A 476 -34.62 5.22 -19.23
N VAL A 477 -33.31 5.18 -19.40
CA VAL A 477 -32.47 4.30 -18.59
C VAL A 477 -32.53 4.75 -17.13
N PRO A 478 -32.79 3.86 -16.18
CA PRO A 478 -32.78 4.26 -14.77
C PRO A 478 -31.40 4.77 -14.36
N GLY A 479 -31.41 5.76 -13.48
CA GLY A 479 -30.18 6.37 -13.03
C GLY A 479 -29.62 7.44 -13.93
N ILE A 480 -30.29 7.76 -15.03
CA ILE A 480 -29.85 8.81 -15.96
C ILE A 480 -30.83 9.97 -15.84
N SER A 481 -30.31 11.16 -15.57
CA SER A 481 -31.15 12.33 -15.33
C SER A 481 -31.25 13.25 -16.53
N ARG A 482 -30.18 13.42 -17.30
CA ARG A 482 -30.15 14.38 -18.38
C ARG A 482 -29.48 13.78 -19.61
N VAL A 483 -30.10 14.00 -20.77
CA VAL A 483 -29.50 13.67 -22.06
C VAL A 483 -29.51 14.93 -22.92
N GLN A 484 -28.35 15.22 -23.53
CA GLN A 484 -28.18 16.42 -24.34
C GLN A 484 -27.68 16.00 -25.71
N ALA A 485 -28.38 16.43 -26.75
CA ALA A 485 -28.01 16.12 -28.13
C ALA A 485 -28.49 17.25 -29.03
N ILE A 486 -28.34 17.04 -30.34
CA ILE A 486 -28.86 18.01 -31.30
C ILE A 486 -30.38 18.09 -31.21
N THR A 487 -31.03 16.95 -30.97
CA THR A 487 -32.48 16.94 -30.82
C THR A 487 -32.94 17.54 -29.50
N ARG A 488 -32.10 17.45 -28.46
CA ARG A 488 -32.42 17.99 -27.14
C ARG A 488 -31.23 18.84 -26.67
N PRO A 489 -31.21 20.13 -27.02
CA PRO A 489 -30.13 21.00 -26.53
C PRO A 489 -30.09 21.16 -25.02
N GLN A 490 -31.17 20.81 -24.32
CA GLN A 490 -31.18 20.84 -22.86
C GLN A 490 -31.59 19.47 -22.33
N GLY A 491 -31.87 19.39 -21.03
CA GLY A 491 -32.27 18.12 -20.44
C GLY A 491 -33.57 17.60 -21.02
N THR A 492 -34.55 18.49 -21.23
CA THR A 492 -35.84 18.10 -21.76
C THR A 492 -36.41 19.27 -22.55
N PRO A 493 -36.85 19.04 -23.80
CA PRO A 493 -37.44 20.09 -24.64
C PRO A 493 -38.70 20.68 -24.03
N SER A 690 -43.20 10.87 -32.94
CA SER A 690 -43.79 11.84 -33.86
C SER A 690 -42.90 13.07 -34.00
N PHE A 691 -41.58 12.85 -33.91
CA PHE A 691 -40.61 13.93 -34.00
C PHE A 691 -40.04 13.93 -35.41
N TYR A 692 -40.33 14.99 -36.16
CA TYR A 692 -39.93 15.09 -37.56
C TYR A 692 -39.26 16.44 -37.81
N LEU A 693 -38.22 16.42 -38.63
CA LEU A 693 -37.49 17.64 -38.97
C LEU A 693 -37.85 18.09 -40.39
N PRO A 694 -38.55 19.20 -40.56
CA PRO A 694 -38.77 19.72 -41.90
C PRO A 694 -37.46 20.12 -42.53
N PRO A 695 -37.34 20.02 -43.86
CA PRO A 695 -36.05 20.31 -44.50
C PRO A 695 -35.64 21.78 -44.43
N GLU A 696 -36.57 22.70 -44.19
CA GLU A 696 -36.20 24.09 -44.08
C GLU A 696 -35.49 24.37 -42.76
N THR A 697 -35.72 23.52 -41.75
CA THR A 697 -35.03 23.67 -40.47
C THR A 697 -33.54 23.39 -40.60
N PHE A 698 -33.12 22.65 -41.62
CA PHE A 698 -31.70 22.37 -41.80
C PHE A 698 -30.90 23.63 -42.13
N GLU A 699 -31.53 24.60 -42.77
CA GLU A 699 -30.88 25.84 -43.17
C GLU A 699 -30.89 26.91 -42.09
N ASN A 700 -31.50 26.62 -40.94
CA ASN A 700 -31.54 27.59 -39.85
C ASN A 700 -30.12 27.81 -39.31
N PRO A 701 -29.61 29.04 -39.31
CA PRO A 701 -28.26 29.26 -38.78
C PRO A 701 -28.09 28.81 -37.35
N ASP A 702 -29.09 29.00 -36.51
CA ASP A 702 -29.04 28.46 -35.15
C ASP A 702 -28.98 26.94 -35.16
N PHE A 703 -29.78 26.31 -36.03
CA PHE A 703 -29.77 24.86 -36.10
C PHE A 703 -28.46 24.35 -36.69
N LYS A 704 -27.88 25.10 -37.64
CA LYS A 704 -26.57 24.72 -38.17
C LYS A 704 -25.49 24.84 -37.09
N ARG A 705 -25.57 25.87 -36.25
CA ARG A 705 -24.62 26.00 -35.15
C ARG A 705 -24.79 24.85 -34.16
N GLY A 706 -26.03 24.48 -33.87
CA GLY A 706 -26.26 23.30 -33.04
C GLY A 706 -25.70 22.04 -33.67
N MET A 707 -25.83 21.93 -35.00
CA MET A 707 -25.26 20.81 -35.72
C MET A 707 -23.75 20.73 -35.52
N LYS A 708 -23.06 21.83 -35.81
CA LYS A 708 -21.60 21.82 -35.69
C LYS A 708 -21.16 21.64 -34.24
N MET A 709 -22.03 22.00 -33.28
CA MET A 709 -21.71 21.78 -31.89
C MET A 709 -21.91 20.33 -31.47
N PHE A 710 -22.87 19.63 -32.10
CA PHE A 710 -23.23 18.29 -31.67
C PHE A 710 -22.91 17.20 -32.70
N LEU A 711 -22.67 17.54 -33.95
CA LEU A 711 -22.37 16.56 -34.98
C LEU A 711 -20.89 16.60 -35.36
N SER A 712 -20.44 15.53 -36.00
CA SER A 712 -19.11 15.52 -36.56
C SER A 712 -19.03 16.54 -37.69
N PRO A 713 -17.84 17.12 -37.93
CA PRO A 713 -17.72 18.10 -39.02
C PRO A 713 -18.08 17.53 -40.37
N ASP A 714 -17.84 16.24 -40.60
CA ASP A 714 -18.22 15.59 -41.85
C ASP A 714 -19.65 15.06 -41.81
N GLY A 715 -20.36 15.25 -40.71
CA GLY A 715 -21.73 14.81 -40.60
C GLY A 715 -21.92 13.30 -40.64
N HIS A 716 -21.07 12.57 -39.94
CA HIS A 716 -21.16 11.11 -39.89
C HIS A 716 -21.33 10.57 -38.48
N ALA A 717 -21.44 11.43 -37.47
CA ALA A 717 -21.52 10.96 -36.09
C ALA A 717 -22.24 12.00 -35.24
N VAL A 718 -22.70 11.55 -34.08
CA VAL A 718 -23.37 12.40 -33.09
C VAL A 718 -22.61 12.31 -31.78
N ARG A 719 -22.88 13.26 -30.90
CA ARG A 719 -22.41 13.21 -29.53
C ARG A 719 -23.57 13.46 -28.58
N PHE A 720 -23.63 12.66 -27.53
CA PHE A 720 -24.63 12.77 -26.49
C PHE A 720 -23.93 13.06 -25.17
N ILE A 721 -24.40 14.10 -24.48
CA ILE A 721 -23.93 14.42 -23.14
C ILE A 721 -24.90 13.78 -22.15
N ILE A 722 -24.37 12.90 -21.30
CA ILE A 722 -25.18 12.12 -20.37
C ILE A 722 -24.85 12.54 -18.96
N SER A 723 -25.87 12.89 -18.19
CA SER A 723 -25.73 13.22 -16.77
C SER A 723 -26.59 12.24 -15.98
N HIS A 724 -25.97 11.50 -15.08
CA HIS A 724 -26.67 10.46 -14.34
C HIS A 724 -27.64 11.07 -13.33
N GLU A 725 -28.43 10.21 -12.70
CA GLU A 725 -29.29 10.62 -11.60
C GLU A 725 -28.60 10.44 -10.25
N GLY A 726 -27.88 9.34 -10.08
CA GLY A 726 -27.09 9.10 -8.90
C GLY A 726 -25.63 9.40 -9.13
N ASP A 727 -24.80 8.93 -8.21
CA ASP A 727 -23.37 9.18 -8.31
C ASP A 727 -22.80 8.43 -9.50
N PRO A 728 -22.17 9.12 -10.45
CA PRO A 728 -21.57 8.42 -11.60
C PRO A 728 -20.24 7.80 -11.23
N MET A 729 -19.86 8.02 -9.97
CA MET A 729 -18.52 7.72 -9.51
C MET A 729 -18.48 6.38 -8.77
N SER A 730 -19.62 5.70 -8.67
CA SER A 730 -19.81 4.50 -7.85
C SER A 730 -20.30 3.34 -8.71
N PRO A 731 -20.42 2.13 -8.15
CA PRO A 731 -20.92 1.01 -8.97
C PRO A 731 -22.28 1.25 -9.62
N GLU A 732 -23.09 2.15 -9.07
CA GLU A 732 -24.36 2.49 -9.72
C GLU A 732 -24.11 3.02 -11.13
N GLY A 733 -23.23 4.01 -11.27
CA GLY A 733 -22.87 4.48 -12.59
C GLY A 733 -22.13 3.44 -13.41
N ILE A 734 -21.40 2.54 -12.73
CA ILE A 734 -20.67 1.49 -13.43
C ILE A 734 -21.64 0.60 -14.18
N LYS A 735 -22.74 0.22 -13.52
CA LYS A 735 -23.83 -0.49 -14.19
C LYS A 735 -24.60 0.41 -15.13
N HIS A 736 -24.64 1.72 -14.87
CA HIS A 736 -25.30 2.64 -15.78
C HIS A 736 -24.66 2.66 -17.15
N ILE A 737 -23.34 2.53 -17.21
CA ILE A 737 -22.65 2.56 -18.50
C ILE A 737 -23.13 1.43 -19.41
N ASP A 738 -23.17 0.21 -18.87
CA ASP A 738 -23.64 -0.92 -19.66
C ASP A 738 -25.10 -0.76 -20.04
N ALA A 739 -25.93 -0.22 -19.15
CA ALA A 739 -27.33 0.02 -19.47
C ALA A 739 -27.46 1.03 -20.61
N ILE A 740 -26.65 2.09 -20.57
CA ILE A 740 -26.69 3.09 -21.64
C ILE A 740 -26.27 2.47 -22.97
N LYS A 741 -25.21 1.66 -22.95
CA LYS A 741 -24.77 1.02 -24.19
C LYS A 741 -25.85 0.09 -24.73
N GLN A 742 -26.49 -0.69 -23.86
CA GLN A 742 -27.57 -1.57 -24.31
C GLN A 742 -28.74 -0.78 -24.86
N ALA A 743 -29.12 0.32 -24.20
CA ALA A 743 -30.22 1.13 -24.69
C ALA A 743 -29.89 1.73 -26.05
N ALA A 744 -28.66 2.22 -26.22
CA ALA A 744 -28.27 2.75 -27.53
C ALA A 744 -28.30 1.66 -28.59
N LYS A 745 -27.82 0.46 -28.25
CA LYS A 745 -27.77 -0.63 -29.22
C LYS A 745 -29.18 -1.07 -29.63
N GLU A 746 -30.11 -1.11 -28.68
CA GLU A 746 -31.48 -1.47 -29.05
C GLU A 746 -32.19 -0.33 -29.77
N ALA A 747 -31.81 0.92 -29.50
CA ALA A 747 -32.42 2.03 -30.20
C ALA A 747 -31.96 2.11 -31.64
N ILE A 748 -30.67 1.86 -31.89
CA ILE A 748 -30.14 1.92 -33.25
C ILE A 748 -30.67 0.77 -34.10
N LYS A 749 -31.21 -0.27 -33.46
CA LYS A 749 -31.75 -1.41 -34.19
C LYS A 749 -32.97 -0.99 -35.00
N GLY A 750 -33.13 -1.60 -36.17
CA GLY A 750 -34.26 -1.30 -37.02
C GLY A 750 -34.19 0.04 -37.70
N THR A 751 -32.99 0.62 -37.83
CA THR A 751 -32.80 1.92 -38.45
C THR A 751 -31.92 1.79 -39.68
N PRO A 752 -32.01 2.72 -40.63
CA PRO A 752 -31.16 2.62 -41.82
C PRO A 752 -29.68 2.67 -41.52
N LEU A 753 -29.28 3.27 -40.40
CA LEU A 753 -27.88 3.36 -40.00
C LEU A 753 -27.52 2.30 -38.96
N GLU A 754 -28.23 1.18 -38.92
CA GLU A 754 -27.89 0.10 -38.01
C GLU A 754 -26.48 -0.40 -38.27
N GLY A 755 -25.75 -0.66 -37.18
CA GLY A 755 -24.38 -1.13 -37.27
C GLY A 755 -23.33 -0.12 -36.84
N SER A 756 -23.73 1.03 -36.31
CA SER A 756 -22.78 2.05 -35.90
C SER A 756 -22.10 1.64 -34.60
N LYS A 757 -21.02 2.35 -34.27
CA LYS A 757 -20.26 2.11 -33.07
C LYS A 757 -20.88 2.85 -31.88
N ILE A 758 -20.68 2.31 -30.69
CA ILE A 758 -21.33 2.84 -29.50
C ILE A 758 -20.26 3.32 -28.52
N TYR A 759 -19.18 3.88 -29.07
CA TYR A 759 -18.10 4.41 -28.24
C TYR A 759 -18.63 5.37 -27.19
N LEU A 760 -18.42 5.00 -25.92
CA LEU A 760 -18.86 5.79 -24.78
C LEU A 760 -17.67 6.07 -23.89
N GLY A 761 -17.50 7.33 -23.50
CA GLY A 761 -16.39 7.73 -22.67
C GLY A 761 -16.82 8.69 -21.58
N GLY A 762 -15.93 8.87 -20.62
CA GLY A 762 -16.16 9.75 -19.50
C GLY A 762 -15.71 9.10 -18.21
N THR A 763 -16.18 9.67 -17.09
CA THR A 763 -15.74 9.21 -15.79
C THR A 763 -16.26 7.81 -15.47
N ALA A 764 -17.56 7.59 -15.66
CA ALA A 764 -18.15 6.32 -15.23
C ALA A 764 -17.67 5.16 -16.10
N ALA A 765 -17.50 5.39 -17.41
CA ALA A 765 -16.92 4.34 -18.25
C ALA A 765 -15.47 4.06 -17.86
N THR A 766 -14.71 5.11 -17.57
CA THR A 766 -13.32 4.94 -17.16
C THR A 766 -13.23 4.10 -15.90
N PHE A 767 -14.07 4.40 -14.90
CA PHE A 767 -14.04 3.60 -13.69
C PHE A 767 -14.78 2.27 -13.79
N LYS A 768 -15.60 2.05 -14.81
CA LYS A 768 -16.06 0.69 -15.07
C LYS A 768 -14.89 -0.17 -15.53
N ASP A 769 -14.12 0.35 -16.48
CA ASP A 769 -12.90 -0.33 -16.89
C ASP A 769 -11.97 -0.53 -15.70
N LEU A 770 -11.77 0.53 -14.91
CA LEU A 770 -10.87 0.44 -13.77
C LEU A 770 -11.38 -0.51 -12.70
N GLN A 771 -12.70 -0.61 -12.53
CA GLN A 771 -13.27 -1.48 -11.51
C GLN A 771 -13.10 -2.94 -11.87
N GLU A 772 -13.44 -3.31 -13.11
CA GLU A 772 -13.23 -4.70 -13.51
C GLU A 772 -11.74 -5.04 -13.52
N GLY A 773 -10.92 -4.12 -14.04
CA GLY A 773 -9.50 -4.32 -14.01
C GLY A 773 -8.94 -4.42 -12.60
N ALA A 774 -9.55 -3.70 -11.65
CA ALA A 774 -9.06 -3.70 -10.28
C ALA A 774 -9.43 -4.98 -9.55
N ASN A 775 -10.62 -5.52 -9.81
CA ASN A 775 -10.95 -6.82 -9.25
C ASN A 775 -9.97 -7.87 -9.75
N TYR A 776 -9.82 -7.98 -11.08
CA TYR A 776 -8.87 -8.96 -11.61
C TYR A 776 -7.45 -8.63 -11.18
N ASP A 777 -7.16 -7.34 -10.98
CA ASP A 777 -5.84 -6.87 -10.62
C ASP A 777 -5.46 -7.32 -9.22
N LEU A 778 -6.35 -7.09 -8.26
CA LEU A 778 -6.11 -7.56 -6.90
C LEU A 778 -5.97 -9.06 -6.86
N ILE A 779 -6.85 -9.79 -7.56
CA ILE A 779 -6.76 -11.25 -7.53
C ILE A 779 -5.42 -11.73 -8.07
N ILE A 780 -5.04 -11.27 -9.26
CA ILE A 780 -3.84 -11.80 -9.91
C ILE A 780 -2.59 -11.32 -9.17
N ALA A 781 -2.57 -10.06 -8.72
CA ALA A 781 -1.40 -9.56 -8.01
C ALA A 781 -1.22 -10.26 -6.68
N GLY A 782 -2.31 -10.49 -5.95
CA GLY A 782 -2.20 -11.24 -4.72
C GLY A 782 -1.69 -12.64 -4.94
N ILE A 783 -2.22 -13.34 -5.95
CA ILE A 783 -1.76 -14.71 -6.20
C ILE A 783 -0.29 -14.71 -6.59
N ALA A 784 0.12 -13.80 -7.48
CA ALA A 784 1.50 -13.79 -7.95
C ALA A 784 2.47 -13.41 -6.83
N ALA A 785 2.13 -12.37 -6.05
CA ALA A 785 2.99 -11.99 -4.94
C ALA A 785 3.09 -13.09 -3.91
N LEU A 786 1.96 -13.76 -3.64
CA LEU A 786 1.96 -14.86 -2.69
C LEU A 786 2.89 -15.98 -3.15
N CYS A 787 2.74 -16.39 -4.41
CA CYS A 787 3.56 -17.47 -4.94
C CYS A 787 5.04 -17.09 -4.96
N LEU A 788 5.34 -15.85 -5.34
CA LEU A 788 6.74 -15.44 -5.43
C LEU A 788 7.38 -15.29 -4.05
N ILE A 789 6.62 -14.80 -3.07
CA ILE A 789 7.13 -14.74 -1.71
C ILE A 789 7.36 -16.14 -1.17
N PHE A 790 6.45 -17.07 -1.47
CA PHE A 790 6.66 -18.45 -1.07
C PHE A 790 7.90 -19.04 -1.72
N ILE A 791 8.13 -18.71 -2.99
CA ILE A 791 9.32 -19.19 -3.68
C ILE A 791 10.58 -18.65 -3.01
N ILE A 792 10.57 -17.37 -2.66
CA ILE A 792 11.73 -16.77 -1.99
C ILE A 792 11.96 -17.44 -0.64
N MET A 793 10.89 -17.69 0.10
CA MET A 793 11.01 -18.33 1.41
C MET A 793 11.54 -19.74 1.29
N LEU A 794 11.10 -20.47 0.26
CA LEU A 794 11.63 -21.81 0.02
C LEU A 794 13.10 -21.75 -0.35
N ILE A 795 13.51 -20.73 -1.11
CA ILE A 795 14.91 -20.56 -1.45
C ILE A 795 15.74 -20.33 -0.19
N ILE A 796 15.23 -19.48 0.72
CA ILE A 796 16.00 -19.13 1.91
C ILE A 796 16.05 -20.28 2.88
N THR A 797 14.89 -20.69 3.40
CA THR A 797 14.84 -21.67 4.48
C THR A 797 15.03 -23.11 3.99
N ARG A 798 14.88 -23.36 2.69
CA ARG A 798 14.96 -24.70 2.13
C ARG A 798 13.99 -25.65 2.84
N ALA A 799 12.81 -25.13 3.18
CA ALA A 799 11.78 -25.91 3.84
C ALA A 799 10.43 -25.47 3.27
N VAL A 800 9.79 -26.36 2.51
CA VAL A 800 8.52 -26.00 1.87
C VAL A 800 7.44 -25.79 2.91
N VAL A 801 7.43 -26.60 3.97
CA VAL A 801 6.38 -26.48 4.98
C VAL A 801 6.53 -25.18 5.75
N ALA A 802 7.76 -24.79 6.10
CA ALA A 802 7.96 -23.53 6.81
C ALA A 802 7.54 -22.35 5.95
N SER A 803 7.88 -22.38 4.66
CA SER A 803 7.46 -21.31 3.76
C SER A 803 5.94 -21.25 3.65
N ALA A 804 5.28 -22.40 3.53
CA ALA A 804 3.82 -22.42 3.48
C ALA A 804 3.22 -21.91 4.78
N VAL A 805 3.89 -22.17 5.90
CA VAL A 805 3.41 -21.69 7.20
C VAL A 805 3.51 -20.17 7.25
N ILE A 806 4.62 -19.62 6.77
CA ILE A 806 4.75 -18.16 6.67
C ILE A 806 3.64 -17.60 5.80
N VAL A 807 3.39 -18.25 4.66
CA VAL A 807 2.31 -17.83 3.76
C VAL A 807 0.97 -17.79 4.50
N GLY A 808 0.63 -18.87 5.20
CA GLY A 808 -0.66 -18.93 5.87
C GLY A 808 -0.78 -17.90 6.97
N THR A 809 0.27 -17.75 7.78
CA THR A 809 0.23 -16.77 8.86
C THR A 809 0.04 -15.36 8.31
N VAL A 810 0.76 -15.03 7.24
CA VAL A 810 0.65 -13.68 6.68
C VAL A 810 -0.73 -13.47 6.06
N VAL A 811 -1.28 -14.50 5.42
CA VAL A 811 -2.61 -14.36 4.81
C VAL A 811 -3.67 -14.12 5.89
N ILE A 812 -3.59 -14.89 6.99
CA ILE A 812 -4.58 -14.71 8.05
C ILE A 812 -4.41 -13.34 8.72
N SER A 813 -3.15 -12.92 8.93
CA SER A 813 -2.90 -11.58 9.46
C SER A 813 -3.45 -10.51 8.53
N LEU A 814 -3.36 -10.74 7.22
CA LEU A 814 -3.94 -9.80 6.26
C LEU A 814 -5.45 -9.75 6.38
N GLY A 815 -6.09 -10.89 6.58
CA GLY A 815 -7.52 -10.89 6.83
C GLY A 815 -7.88 -10.03 8.03
N ALA A 816 -7.14 -10.20 9.12
CA ALA A 816 -7.38 -9.39 10.31
C ALA A 816 -7.13 -7.91 10.04
N SER A 817 -6.08 -7.60 9.27
CA SER A 817 -5.77 -6.22 8.93
C SER A 817 -6.91 -5.58 8.13
N PHE A 818 -7.41 -6.32 7.14
CA PHE A 818 -8.59 -5.86 6.41
C PHE A 818 -9.75 -5.57 7.35
N GLY A 819 -10.04 -6.51 8.26
CA GLY A 819 -11.16 -6.31 9.15
C GLY A 819 -11.01 -5.07 10.00
N LEU A 820 -9.84 -4.91 10.62
CA LEU A 820 -9.63 -3.78 11.52
C LEU A 820 -9.63 -2.45 10.76
N SER A 821 -8.97 -2.41 9.61
CA SER A 821 -8.90 -1.17 8.84
C SER A 821 -10.27 -0.77 8.31
N VAL A 822 -11.03 -1.74 7.78
CA VAL A 822 -12.38 -1.42 7.31
C VAL A 822 -13.23 -0.94 8.48
N LEU A 823 -13.14 -1.62 9.62
CA LEU A 823 -13.92 -1.19 10.79
C LEU A 823 -13.62 0.26 11.12
N ILE A 824 -12.34 0.60 11.31
CA ILE A 824 -12.01 1.95 11.75
C ILE A 824 -12.43 2.97 10.70
N TRP A 825 -12.04 2.76 9.44
CA TRP A 825 -12.23 3.79 8.43
C TRP A 825 -13.72 3.97 8.10
N GLN A 826 -14.46 2.89 7.94
CA GLN A 826 -15.86 2.99 7.58
C GLN A 826 -16.79 3.16 8.77
N HIS A 827 -16.29 3.12 10.00
CA HIS A 827 -17.28 3.21 11.06
C HIS A 827 -17.00 4.28 12.09
N ILE A 828 -15.73 4.58 12.38
CA ILE A 828 -15.41 5.65 13.32
C ILE A 828 -14.75 6.83 12.62
N ILE A 829 -13.94 6.58 11.60
CA ILE A 829 -13.48 7.68 10.76
C ILE A 829 -14.63 8.22 9.91
N GLY A 830 -15.46 7.32 9.38
CA GLY A 830 -16.56 7.71 8.53
C GLY A 830 -16.25 7.77 7.05
N LEU A 831 -15.01 7.52 6.66
CA LEU A 831 -14.60 7.59 5.26
C LEU A 831 -14.46 6.18 4.71
N GLU A 832 -15.13 5.92 3.59
CA GLU A 832 -15.07 4.61 2.97
C GLU A 832 -13.65 4.33 2.47
N LEU A 833 -13.30 3.04 2.47
CA LEU A 833 -11.94 2.65 2.09
C LEU A 833 -11.78 2.71 0.58
N HIS A 834 -10.68 3.31 0.13
CA HIS A 834 -10.42 3.43 -1.30
C HIS A 834 -10.04 2.07 -1.89
N TRP A 835 -10.21 1.95 -3.21
CA TRP A 835 -9.98 0.66 -3.86
C TRP A 835 -8.50 0.32 -3.95
N MET A 836 -7.66 1.29 -4.34
CA MET A 836 -6.22 1.04 -4.48
C MET A 836 -5.57 0.75 -3.13
N VAL A 837 -6.24 1.14 -2.05
CA VAL A 837 -5.77 0.81 -0.70
C VAL A 837 -5.66 -0.70 -0.55
N LEU A 838 -6.65 -1.44 -1.07
CA LEU A 838 -6.62 -2.89 -0.94
C LEU A 838 -5.36 -3.46 -1.58
N ALA A 839 -5.05 -3.06 -2.81
CA ALA A 839 -3.89 -3.61 -3.50
C ALA A 839 -2.61 -3.26 -2.77
N MET A 840 -2.40 -1.97 -2.46
CA MET A 840 -1.14 -1.61 -1.82
C MET A 840 -1.00 -2.25 -0.44
N ALA A 841 -2.07 -2.26 0.35
CA ALA A 841 -2.00 -2.86 1.67
C ALA A 841 -1.72 -4.36 1.58
N VAL A 842 -2.37 -5.06 0.65
CA VAL A 842 -2.15 -6.49 0.52
C VAL A 842 -0.70 -6.76 0.14
N ILE A 843 -0.17 -6.01 -0.83
CA ILE A 843 1.20 -6.22 -1.27
C ILE A 843 2.19 -5.98 -0.13
N VAL A 844 2.04 -4.84 0.56
CA VAL A 844 3.00 -4.49 1.61
C VAL A 844 2.89 -5.45 2.78
N LEU A 845 1.68 -5.92 3.09
CA LEU A 845 1.53 -6.86 4.19
C LEU A 845 2.16 -8.21 3.84
N LEU A 846 1.85 -8.76 2.66
CA LEU A 846 2.48 -9.99 2.24
C LEU A 846 4.00 -9.86 2.25
N ALA A 847 4.52 -8.67 1.94
CA ALA A 847 5.97 -8.48 2.00
C ALA A 847 6.46 -8.52 3.44
N VAL A 848 6.01 -7.58 4.26
CA VAL A 848 6.67 -7.32 5.53
C VAL A 848 6.32 -8.37 6.57
N GLY A 849 5.07 -8.82 6.63
CA GLY A 849 4.72 -9.88 7.55
C GLY A 849 5.49 -11.16 7.25
N ALA A 850 5.63 -11.49 5.97
CA ALA A 850 6.46 -12.63 5.60
C ALA A 850 7.91 -12.40 5.97
N ASP A 851 8.39 -11.16 5.88
CA ASP A 851 9.75 -10.87 6.31
C ASP A 851 9.95 -11.15 7.80
N TYR A 852 8.99 -10.72 8.61
CA TYR A 852 9.09 -10.95 10.06
C TYR A 852 9.03 -12.44 10.37
N ASN A 853 8.08 -13.14 9.76
CA ASN A 853 7.97 -14.58 9.96
C ASN A 853 9.23 -15.29 9.48
N LEU A 854 9.85 -14.80 8.41
CA LEU A 854 11.08 -15.39 7.91
C LEU A 854 12.22 -15.18 8.89
N LEU A 855 12.29 -14.01 9.50
CA LEU A 855 13.33 -13.79 10.53
C LEU A 855 13.14 -14.77 11.68
N LEU A 856 11.90 -14.92 12.14
CA LEU A 856 11.65 -15.87 13.22
C LEU A 856 12.00 -17.29 12.82
N VAL A 857 11.62 -17.69 11.61
CA VAL A 857 11.86 -19.06 11.16
C VAL A 857 13.36 -19.30 10.97
N SER A 858 14.09 -18.31 10.48
CA SER A 858 15.54 -18.46 10.34
C SER A 858 16.20 -18.61 11.70
N ARG A 859 15.76 -17.82 12.68
CA ARG A 859 16.31 -17.99 14.03
C ARG A 859 15.97 -19.36 14.59
N ILE A 860 14.75 -19.84 14.35
CA ILE A 860 14.38 -21.19 14.80
C ILE A 860 15.27 -22.22 14.16
N LYS A 861 15.52 -22.08 12.85
CA LYS A 861 16.37 -23.03 12.14
C LYS A 861 17.79 -23.02 12.70
N GLU A 862 18.29 -21.84 13.06
CA GLU A 862 19.61 -21.76 13.69
C GLU A 862 19.60 -22.47 15.04
N GLU A 863 18.53 -22.32 15.81
CA GLU A 863 18.46 -22.87 17.16
C GLU A 863 18.02 -24.32 17.21
N ILE A 864 17.68 -24.93 16.07
CA ILE A 864 17.25 -26.33 16.07
C ILE A 864 18.32 -27.24 16.67
N HIS A 865 19.59 -26.91 16.49
CA HIS A 865 20.67 -27.81 16.88
C HIS A 865 20.56 -28.24 18.34
N ALA A 866 20.16 -27.32 19.22
CA ALA A 866 20.00 -27.65 20.63
C ALA A 866 18.67 -28.33 20.92
N GLY A 867 17.80 -28.47 19.93
CA GLY A 867 16.50 -29.05 20.13
C GLY A 867 15.46 -28.31 19.31
N LEU A 868 14.29 -28.93 19.21
CA LEU A 868 13.22 -28.39 18.37
C LEU A 868 12.33 -27.43 19.15
N ASN A 869 11.75 -27.90 20.26
CA ASN A 869 10.93 -27.02 21.09
C ASN A 869 11.80 -25.97 21.79
N THR A 870 12.90 -26.40 22.41
CA THR A 870 13.81 -25.43 23.01
C THR A 870 14.43 -24.54 21.94
N GLY A 871 14.54 -25.02 20.71
CA GLY A 871 14.97 -24.14 19.63
C GLY A 871 14.01 -23.00 19.41
N ILE A 872 12.71 -23.30 19.39
CA ILE A 872 11.70 -22.26 19.25
C ILE A 872 11.76 -21.31 20.44
N ILE A 873 11.92 -21.85 21.64
CA ILE A 873 11.98 -21.02 22.84
C ILE A 873 13.16 -20.05 22.76
N ARG A 874 14.34 -20.57 22.44
CA ARG A 874 15.53 -19.73 22.36
C ARG A 874 15.41 -18.70 21.25
N SER A 875 14.87 -19.11 20.09
CA SER A 875 14.71 -18.18 18.99
C SER A 875 13.77 -17.04 19.36
N MET A 876 12.64 -17.38 20.00
CA MET A 876 11.71 -16.35 20.42
C MET A 876 12.34 -15.43 21.44
N GLY A 877 13.07 -15.99 22.40
CA GLY A 877 13.73 -15.15 23.39
C GLY A 877 14.76 -14.22 22.78
N GLY A 878 15.49 -14.71 21.77
CA GLY A 878 16.53 -13.91 21.17
C GLY A 878 16.03 -12.86 20.19
N THR A 879 14.90 -13.11 19.53
CA THR A 879 14.41 -12.20 18.52
C THR A 879 13.12 -11.48 18.90
N GLY A 880 12.57 -11.69 20.09
CA GLY A 880 11.34 -11.00 20.44
C GLY A 880 11.51 -9.50 20.47
N SER A 881 12.54 -9.03 21.17
CA SER A 881 12.78 -7.59 21.23
C SER A 881 13.09 -7.02 19.86
N VAL A 882 13.90 -7.72 19.07
CA VAL A 882 14.29 -7.21 17.76
C VAL A 882 13.09 -7.10 16.85
N VAL A 883 12.30 -8.17 16.74
CA VAL A 883 11.16 -8.16 15.84
C VAL A 883 10.09 -7.20 16.34
N THR A 884 9.89 -7.12 17.66
CA THR A 884 8.93 -6.17 18.19
C THR A 884 9.33 -4.74 17.87
N SER A 885 10.61 -4.40 18.05
CA SER A 885 11.07 -3.06 17.74
C SER A 885 10.89 -2.75 16.26
N ALA A 886 11.31 -3.68 15.39
CA ALA A 886 11.20 -3.45 13.96
C ALA A 886 9.74 -3.31 13.53
N GLY A 887 8.88 -4.20 14.03
CA GLY A 887 7.48 -4.13 13.65
C GLY A 887 6.78 -2.89 14.17
N LEU A 888 7.11 -2.48 15.39
CA LEU A 888 6.57 -1.25 15.92
C LEU A 888 7.01 -0.06 15.08
N VAL A 889 8.29 -0.03 14.70
CA VAL A 889 8.78 1.09 13.91
C VAL A 889 8.09 1.12 12.55
N PHE A 890 8.01 -0.03 11.88
CA PHE A 890 7.38 -0.07 10.56
C PHE A 890 5.92 0.31 10.64
N ALA A 891 5.19 -0.26 11.61
CA ALA A 891 3.77 0.02 11.75
C ALA A 891 3.53 1.49 12.06
N PHE A 892 4.34 2.07 12.95
CA PHE A 892 4.14 3.46 13.32
C PHE A 892 4.52 4.39 12.17
N THR A 893 5.56 4.06 11.42
CA THR A 893 5.85 4.84 10.21
C THR A 893 4.73 4.76 9.20
N MET A 894 4.06 3.61 9.13
CA MET A 894 2.96 3.51 8.17
C MET A 894 1.73 4.26 8.66
N MET A 895 1.40 4.17 9.95
CA MET A 895 0.35 5.03 10.48
C MET A 895 0.72 6.50 10.43
N SER A 896 2.00 6.83 10.26
CA SER A 896 2.37 8.22 10.03
C SER A 896 1.85 8.73 8.69
N MET A 897 1.42 7.84 7.80
CA MET A 897 0.74 8.29 6.59
C MET A 897 -0.62 8.91 6.88
N ALA A 898 -1.16 8.72 8.08
CA ALA A 898 -2.45 9.29 8.42
C ALA A 898 -2.46 10.82 8.34
N VAL A 899 -1.29 11.45 8.49
CA VAL A 899 -1.23 12.91 8.42
C VAL A 899 -1.20 13.41 6.98
N SER A 900 -0.97 12.52 6.01
CA SER A 900 -0.93 12.93 4.62
C SER A 900 -2.28 13.48 4.17
N GLU A 901 -2.23 14.53 3.35
CA GLU A 901 -3.47 15.13 2.85
C GLU A 901 -4.19 14.20 1.90
N LEU A 902 -3.47 13.31 1.22
CA LEU A 902 -4.09 12.27 0.40
C LEU A 902 -4.73 11.26 1.33
N ALA A 903 -6.05 11.38 1.52
CA ALA A 903 -6.73 10.46 2.42
C ALA A 903 -6.65 9.02 1.91
N VAL A 904 -6.41 8.81 0.63
CA VAL A 904 -6.13 7.47 0.13
C VAL A 904 -4.78 6.97 0.62
N ILE A 905 -3.76 7.84 0.61
CA ILE A 905 -2.48 7.46 1.18
C ILE A 905 -2.60 7.27 2.68
N ALA A 906 -3.42 8.09 3.33
CA ALA A 906 -3.67 7.91 4.75
C ALA A 906 -4.31 6.56 5.02
N GLN A 907 -5.28 6.17 4.19
CA GLN A 907 -5.93 4.87 4.36
C GLN A 907 -4.94 3.73 4.15
N VAL A 908 -4.10 3.84 3.12
CA VAL A 908 -3.09 2.81 2.87
C VAL A 908 -2.16 2.68 4.07
N GLY A 909 -1.66 3.81 4.56
CA GLY A 909 -0.73 3.77 5.67
C GLY A 909 -1.35 3.25 6.94
N THR A 910 -2.57 3.70 7.27
CA THR A 910 -3.22 3.22 8.48
C THR A 910 -3.54 1.73 8.37
N THR A 911 -3.99 1.28 7.20
CA THR A 911 -4.27 -0.15 7.01
C THR A 911 -3.01 -0.97 7.24
N ILE A 912 -1.90 -0.58 6.59
CA ILE A 912 -0.68 -1.36 6.73
C ILE A 912 -0.12 -1.28 8.14
N GLY A 913 -0.22 -0.10 8.78
CA GLY A 913 0.27 0.02 10.14
C GLY A 913 -0.53 -0.81 11.11
N LEU A 914 -1.86 -0.79 11.01
CA LEU A 914 -2.69 -1.63 11.86
C LEU A 914 -2.41 -3.10 11.60
N GLY A 915 -2.24 -3.47 10.32
CA GLY A 915 -1.96 -4.87 10.00
C GLY A 915 -0.65 -5.34 10.60
N LEU A 916 0.40 -4.52 10.51
CA LEU A 916 1.68 -4.95 11.05
C LEU A 916 1.73 -4.84 12.57
N LEU A 917 0.97 -3.92 13.15
CA LEU A 917 0.78 -3.94 14.60
C LEU A 917 0.16 -5.26 15.03
N PHE A 918 -0.91 -5.67 14.36
CA PHE A 918 -1.54 -6.95 14.64
C PHE A 918 -0.55 -8.09 14.45
N ASP A 919 0.22 -8.04 13.36
CA ASP A 919 1.21 -9.07 13.10
C ASP A 919 2.19 -9.20 14.25
N THR A 920 2.97 -8.14 14.49
CA THR A 920 4.00 -8.21 15.52
C THR A 920 3.45 -8.35 16.92
N LEU A 921 2.14 -8.14 17.13
CA LEU A 921 1.59 -8.39 18.44
C LEU A 921 1.17 -9.84 18.64
N VAL A 922 0.41 -10.41 17.70
CA VAL A 922 -0.15 -11.74 17.87
C VAL A 922 0.38 -12.73 16.85
N ILE A 923 0.47 -12.35 15.57
CA ILE A 923 0.68 -13.34 14.52
C ILE A 923 2.07 -13.94 14.62
N ARG A 924 3.11 -13.14 14.41
CA ARG A 924 4.47 -13.67 14.42
C ARG A 924 4.88 -14.17 15.79
N SER A 925 4.23 -13.68 16.85
CA SER A 925 4.64 -14.05 18.20
C SER A 925 3.94 -15.30 18.72
N PHE A 926 2.76 -15.62 18.21
CA PHE A 926 2.02 -16.80 18.65
C PHE A 926 1.75 -17.79 17.53
N MET A 927 1.16 -17.32 16.43
CA MET A 927 0.68 -18.25 15.41
C MET A 927 1.83 -19.00 14.76
N THR A 928 2.85 -18.29 14.29
CA THR A 928 3.98 -18.95 13.64
C THR A 928 4.73 -19.90 14.58
N PRO A 929 5.15 -19.49 15.78
CA PRO A 929 5.79 -20.47 16.67
C PRO A 929 4.88 -21.60 17.09
N SER A 930 3.58 -21.35 17.28
CA SER A 930 2.69 -22.44 17.65
C SER A 930 2.54 -23.44 16.53
N ILE A 931 2.42 -22.96 15.29
CA ILE A 931 2.36 -23.87 14.15
C ILE A 931 3.65 -24.66 14.03
N ALA A 932 4.79 -24.00 14.24
CA ALA A 932 6.07 -24.70 14.20
C ALA A 932 6.14 -25.78 15.27
N ALA A 933 5.69 -25.47 16.48
CA ALA A 933 5.72 -26.44 17.57
C ALA A 933 4.79 -27.62 17.27
N LEU A 934 3.61 -27.34 16.71
CA LEU A 934 2.68 -28.40 16.38
C LEU A 934 3.24 -29.33 15.33
N MET A 935 3.76 -28.76 14.24
CA MET A 935 4.29 -29.62 13.17
C MET A 935 5.54 -30.36 13.60
N GLY A 936 6.43 -29.71 14.35
CA GLY A 936 7.63 -30.37 14.81
C GLY A 936 8.55 -30.77 13.69
N LYS A 937 8.74 -32.09 13.52
CA LYS A 937 9.65 -32.59 12.50
C LYS A 937 9.20 -32.19 11.10
N TRP A 938 7.89 -32.24 10.85
CA TRP A 938 7.37 -31.92 9.53
C TRP A 938 7.46 -30.43 9.20
N PHE A 939 7.77 -29.58 10.18
CA PHE A 939 7.85 -28.15 9.91
C PHE A 939 8.99 -27.79 8.95
N TRP A 940 9.99 -28.66 8.84
CA TRP A 940 11.15 -28.40 7.99
C TRP A 940 11.22 -29.36 6.81
N TRP A 941 10.10 -29.97 6.43
CA TRP A 941 10.09 -30.84 5.28
C TRP A 941 10.44 -30.04 4.02
N PRO A 942 11.15 -30.63 3.04
CA PRO A 942 11.67 -32.00 3.02
C PRO A 942 12.99 -32.17 3.77
N GLN A 943 13.54 -31.08 4.29
CA GLN A 943 14.82 -31.15 4.99
C GLN A 943 14.71 -32.08 6.19
N ARG A 944 15.60 -33.06 6.26
CA ARG A 944 15.55 -34.08 7.31
C ARG A 944 15.97 -33.45 8.63
N VAL A 945 15.00 -33.09 9.46
CA VAL A 945 15.25 -32.53 10.77
C VAL A 945 14.72 -33.53 11.79
N ARG A 946 15.20 -33.40 13.02
CA ARG A 946 14.78 -34.28 14.10
C ARG A 946 13.96 -33.51 15.13
N GLN A 947 13.29 -34.29 15.99
CA GLN A 947 12.65 -33.78 17.18
C GLN A 947 13.76 -33.61 18.21
N ARG A 948 13.42 -33.45 19.49
CA ARG A 948 14.39 -33.39 20.59
C ARG A 948 15.54 -34.38 20.33
N PRO A 949 16.77 -33.92 20.38
CA PRO A 949 17.90 -34.79 20.01
C PRO A 949 18.12 -35.92 20.99
N LEU A 950 19.17 -36.71 20.76
CA LEU A 950 19.43 -37.85 21.63
C LEU A 950 19.61 -37.37 23.06
N PRO A 951 19.01 -38.05 24.04
CA PRO A 951 19.12 -37.59 25.43
C PRO A 951 20.54 -37.64 25.94
N ALA A 952 21.14 -36.48 26.17
CA ALA A 952 22.51 -36.43 26.63
C ALA A 952 22.61 -37.00 28.04
N PRO A 953 23.70 -37.69 28.37
CA PRO A 953 23.87 -38.16 29.74
C PRO A 953 23.94 -36.99 30.71
N TRP A 954 23.45 -37.22 31.92
CA TRP A 954 23.41 -36.16 32.92
C TRP A 954 24.83 -35.74 33.28
N PRO A 955 25.15 -34.45 33.20
CA PRO A 955 26.55 -34.03 33.40
C PRO A 955 27.04 -34.31 34.82
N GLN A 956 28.34 -34.54 34.92
CA GLN A 956 28.96 -34.75 36.22
C GLN A 956 28.93 -33.45 37.02
N PRO A 957 28.82 -33.54 38.34
CA PRO A 957 28.79 -32.33 39.17
C PRO A 957 30.09 -31.55 39.05
N VAL A 958 29.96 -30.23 39.10
CA VAL A 958 31.11 -29.35 38.97
C VAL A 958 31.64 -28.95 40.34
N ALA B 2 21.60 -45.47 36.18
CA ALA B 2 20.80 -44.51 36.93
C ALA B 2 21.67 -43.40 37.51
N ALA B 3 21.48 -42.18 37.01
CA ALA B 3 22.26 -41.05 37.48
C ALA B 3 21.89 -40.71 38.92
N THR B 4 22.91 -40.39 39.71
CA THR B 4 22.70 -40.06 41.11
C THR B 4 22.22 -38.61 41.25
N GLN B 5 21.98 -38.20 42.49
CA GLN B 5 21.41 -36.88 42.76
C GLN B 5 22.19 -35.76 42.08
N GLU B 6 23.51 -35.75 42.25
CA GLU B 6 24.32 -34.64 41.79
C GLU B 6 24.21 -34.41 40.28
N GLU B 7 24.07 -35.49 39.51
CA GLU B 7 24.02 -35.33 38.06
C GLU B 7 22.78 -34.54 37.63
N ILE B 8 21.59 -34.95 38.10
CA ILE B 8 20.39 -34.21 37.74
C ILE B 8 20.39 -32.83 38.37
N ILE B 9 20.91 -32.67 39.58
CA ILE B 9 20.98 -31.34 40.18
C ILE B 9 21.83 -30.41 39.32
N ALA B 10 22.99 -30.89 38.86
CA ALA B 10 23.85 -30.08 38.03
C ALA B 10 23.21 -29.76 36.68
N GLY B 11 22.54 -30.75 36.08
CA GLY B 11 21.87 -30.48 34.81
C GLY B 11 20.77 -29.46 34.93
N LEU B 12 19.93 -29.60 35.97
CA LEU B 12 18.87 -28.64 36.19
C LEU B 12 19.43 -27.26 36.52
N ALA B 13 20.55 -27.21 37.24
CA ALA B 13 21.18 -25.92 37.52
C ALA B 13 21.69 -25.27 36.24
N GLU B 14 22.26 -26.07 35.34
CA GLU B 14 22.72 -25.54 34.07
C GLU B 14 21.54 -25.00 33.25
N ILE B 15 20.41 -25.71 33.27
CA ILE B 15 19.24 -25.23 32.54
C ILE B 15 18.69 -23.96 33.19
N ILE B 16 18.68 -23.90 34.52
CA ILE B 16 18.17 -22.73 35.22
C ILE B 16 19.05 -21.52 34.95
N GLU B 17 20.36 -21.74 34.81
CA GLU B 17 21.25 -20.67 34.40
C GLU B 17 20.80 -20.03 33.10
N GLU B 18 20.20 -20.81 32.20
CA GLU B 18 19.70 -20.29 30.95
C GLU B 18 18.31 -19.65 31.09
N VAL B 19 17.42 -20.28 31.86
CA VAL B 19 16.06 -19.75 31.94
C VAL B 19 16.04 -18.40 32.64
N THR B 20 16.79 -18.26 33.73
CA THR B 20 16.75 -17.07 34.57
C THR B 20 18.11 -16.40 34.69
N GLY B 21 19.15 -17.15 34.99
CA GLY B 21 20.46 -16.57 35.23
C GLY B 21 20.96 -16.86 36.63
N ILE B 22 20.23 -17.72 37.35
CA ILE B 22 20.63 -18.08 38.72
C ILE B 22 21.87 -18.95 38.66
N GLU B 23 22.85 -18.62 39.51
CA GLU B 23 24.11 -19.33 39.50
C GLU B 23 23.89 -20.80 39.88
N PRO B 24 24.58 -21.74 39.23
CA PRO B 24 24.28 -23.16 39.44
C PRO B 24 24.35 -23.63 40.89
N SER B 25 25.32 -23.14 41.67
CA SER B 25 25.43 -23.58 43.06
C SER B 25 24.27 -23.10 43.92
N GLU B 26 23.45 -22.17 43.42
CA GLU B 26 22.26 -21.73 44.13
C GLU B 26 21.08 -22.68 43.95
N VAL B 27 21.24 -23.74 43.18
CA VAL B 27 20.18 -24.73 42.96
C VAL B 27 20.58 -25.97 43.77
N THR B 28 20.01 -26.09 44.96
CA THR B 28 20.26 -27.23 45.84
C THR B 28 18.93 -27.84 46.27
N PRO B 29 18.91 -29.16 46.49
CA PRO B 29 17.62 -29.84 46.76
C PRO B 29 16.89 -29.33 47.98
N GLU B 30 17.60 -28.88 49.01
CA GLU B 30 16.94 -28.49 50.26
C GLU B 30 16.08 -27.24 50.11
N LYS B 31 16.39 -26.37 49.15
CA LYS B 31 15.59 -25.17 48.95
C LYS B 31 14.55 -25.42 47.87
N SER B 32 13.70 -24.42 47.65
CA SER B 32 12.46 -24.58 46.91
C SER B 32 12.44 -23.74 45.64
N PHE B 33 11.32 -23.85 44.92
CA PHE B 33 11.04 -23.12 43.69
C PHE B 33 10.50 -21.73 44.01
N VAL B 34 9.74 -21.15 43.07
CA VAL B 34 9.38 -19.74 43.02
C VAL B 34 9.06 -19.14 44.39
N ASP B 35 8.49 -19.93 45.30
CA ASP B 35 8.30 -19.41 46.66
C ASP B 35 9.63 -19.16 47.36
N ASP B 36 10.74 -19.69 46.83
CA ASP B 36 12.07 -19.41 47.35
C ASP B 36 12.97 -18.77 46.31
N LEU B 37 13.04 -19.32 45.11
CA LEU B 37 13.96 -18.84 44.07
C LEU B 37 13.32 -17.89 43.08
N ASP B 38 12.02 -17.62 43.20
CA ASP B 38 11.32 -16.69 42.31
C ASP B 38 11.47 -17.09 40.84
N ILE B 39 11.00 -18.28 40.53
CA ILE B 39 11.00 -18.81 39.17
C ILE B 39 9.55 -19.10 38.78
N ASP B 40 8.98 -18.23 37.95
CA ASP B 40 7.55 -18.27 37.68
C ASP B 40 7.12 -19.62 37.11
O 4HH B 41 5.67 -22.46 34.81
C 4HH B 41 5.50 -21.34 35.29
CA 4HH B 41 5.30 -21.18 36.80
N 4HH B 41 5.83 -19.92 37.27
CB 4HH B 41 3.82 -21.30 37.15
OG 4HH B 41 3.05 -20.32 36.48
CJ 4HH B 41 -0.07 -20.38 34.29
CK 4HH B 41 -0.31 -21.70 33.57
CL1 4HH B 41 0.96 -22.53 33.64
CL2 4HH B 41 -0.67 -21.41 32.11
CL3 4HH B 41 -1.91 -23.66 33.45
CM 4HH B 41 -1.46 -22.44 34.26
OM 4HH B 41 -2.55 -21.57 34.40
NN 4HH B 41 -3.06 -23.58 32.57
ON 4HH B 41 -1.32 -24.70 33.55
P 4HH B 41 1.72 -19.63 36.04
O1P 4HH B 41 1.51 -19.05 37.38
O2P 4HH B 41 1.94 -18.48 35.18
O3P 4HH B 41 0.51 -20.62 35.54
CO 4HH B 41 -3.47 -24.75 31.81
CP 4HH B 41 -4.28 -24.30 30.59
CQ 4HH B 41 -3.34 -23.94 29.46
CS 4HH B 41 -2.65 -22.36 27.63
CT 4HH B 41 -2.62 -20.84 27.44
NR 4HH B 41 -3.54 -22.70 28.72
OR 4HH B 41 -2.45 -24.65 29.18
SU 4HH B 41 -4.24 -20.30 26.79
N LEU B 42 5.47 -20.24 34.55
CA LEU B 42 5.75 -20.33 33.12
C LEU B 42 7.24 -20.55 32.87
N SER B 43 8.09 -19.99 33.73
CA SER B 43 9.50 -20.38 33.69
C SER B 43 9.69 -21.84 34.10
N MET B 44 8.83 -22.35 34.98
CA MET B 44 8.83 -23.77 35.25
C MET B 44 8.47 -24.57 34.00
N VAL B 45 7.53 -24.07 33.22
CA VAL B 45 7.21 -24.70 31.94
C VAL B 45 8.43 -24.66 31.02
N GLU B 46 9.18 -23.56 31.05
CA GLU B 46 10.42 -23.50 30.26
C GLU B 46 11.41 -24.56 30.71
N ILE B 47 11.58 -24.73 32.03
CA ILE B 47 12.44 -25.79 32.55
C ILE B 47 11.96 -27.14 32.04
N ALA B 48 10.64 -27.36 32.09
CA ALA B 48 10.09 -28.63 31.62
C ALA B 48 10.43 -28.87 30.16
N VAL B 49 10.25 -27.85 29.32
CA VAL B 49 10.52 -28.02 27.88
C VAL B 49 12.00 -28.26 27.63
N GLN B 50 12.87 -27.50 28.30
CA GLN B 50 14.30 -27.70 28.12
C GLN B 50 14.72 -29.10 28.52
N THR B 51 14.20 -29.61 29.64
CA THR B 51 14.61 -30.91 30.11
C THR B 51 13.96 -32.02 29.28
N GLU B 52 12.78 -31.77 28.70
CA GLU B 52 12.23 -32.67 27.70
C GLU B 52 13.16 -32.79 26.50
N ASP B 53 13.68 -31.64 26.05
CA ASP B 53 14.42 -31.64 24.79
C ASP B 53 15.83 -32.18 24.96
N LYS B 54 16.64 -31.51 25.77
CA LYS B 54 18.08 -31.76 25.75
C LYS B 54 18.50 -32.84 26.76
N TYR B 55 17.58 -33.28 27.62
CA TYR B 55 17.79 -34.46 28.47
C TYR B 55 16.82 -35.60 28.20
N GLY B 56 15.76 -35.37 27.43
CA GLY B 56 14.88 -36.45 27.01
C GLY B 56 14.14 -37.16 28.13
N VAL B 57 13.55 -36.40 29.05
CA VAL B 57 12.70 -36.95 30.09
C VAL B 57 11.27 -36.49 29.79
N LYS B 58 10.31 -37.11 30.48
CA LYS B 58 8.90 -36.78 30.30
C LYS B 58 8.38 -36.09 31.57
N ILE B 59 7.86 -34.88 31.40
CA ILE B 59 7.22 -34.16 32.50
C ILE B 59 5.92 -33.55 31.98
N PRO B 60 4.77 -34.03 32.42
CA PRO B 60 3.50 -33.46 31.96
C PRO B 60 3.08 -32.25 32.77
N ASP B 61 2.06 -31.53 32.31
CA ASP B 61 1.61 -30.35 33.03
C ASP B 61 0.88 -30.70 34.31
N GLU B 62 0.25 -31.88 34.37
CA GLU B 62 -0.47 -32.27 35.57
C GLU B 62 0.46 -32.41 36.76
N ASP B 63 1.64 -33.00 36.56
CA ASP B 63 2.61 -33.16 37.63
C ASP B 63 3.48 -31.93 37.85
N LEU B 64 3.46 -30.98 36.91
CA LEU B 64 4.30 -29.79 37.05
C LEU B 64 3.76 -28.84 38.11
N ALA B 65 2.44 -28.83 38.33
CA ALA B 65 1.84 -27.90 39.28
C ALA B 65 2.32 -28.18 40.71
N GLY B 66 2.42 -29.45 41.08
CA GLY B 66 2.84 -29.82 42.42
C GLY B 66 4.33 -29.80 42.65
N LEU B 67 5.10 -29.43 41.63
CA LEU B 67 6.56 -29.44 41.71
C LEU B 67 7.00 -28.12 42.33
N ARG B 68 7.11 -28.10 43.66
CA ARG B 68 7.37 -26.87 44.38
C ARG B 68 8.75 -26.80 45.03
N THR B 69 9.56 -27.85 44.93
CA THR B 69 10.98 -27.77 45.24
C THR B 69 11.78 -28.47 44.15
N VAL B 70 13.02 -28.02 43.95
CA VAL B 70 13.91 -28.72 43.04
C VAL B 70 14.19 -30.13 43.53
N GLY B 71 14.09 -30.37 44.83
CA GLY B 71 14.14 -31.72 45.33
C GLY B 71 13.01 -32.57 44.79
N ASP B 72 11.80 -32.01 44.73
CA ASP B 72 10.67 -32.75 44.17
C ASP B 72 10.89 -33.06 42.70
N VAL B 73 11.40 -32.10 41.92
CA VAL B 73 11.56 -32.35 40.50
C VAL B 73 12.67 -33.37 40.25
N VAL B 74 13.76 -33.31 41.02
CA VAL B 74 14.81 -34.30 40.83
C VAL B 74 14.35 -35.68 41.27
N ALA B 75 13.53 -35.75 42.33
CA ALA B 75 12.95 -37.02 42.72
C ALA B 75 12.03 -37.56 41.63
N TYR B 76 11.25 -36.69 41.00
CA TYR B 76 10.40 -37.11 39.90
C TYR B 76 11.23 -37.63 38.72
N ILE B 77 12.34 -36.95 38.41
CA ILE B 77 13.22 -37.41 37.34
C ILE B 77 13.76 -38.79 37.65
N GLN B 78 14.25 -38.99 38.88
CA GLN B 78 14.78 -40.30 39.24
C GLN B 78 13.70 -41.37 39.19
N LYS B 79 12.51 -41.04 39.70
CA LYS B 79 11.40 -41.99 39.75
C LYS B 79 10.90 -42.37 38.37
N LEU B 80 11.03 -41.47 37.39
CA LEU B 80 10.74 -41.84 36.02
C LEU B 80 11.92 -42.56 35.36
N GLU B 81 13.13 -42.35 35.88
CA GLU B 81 14.32 -42.88 35.22
C GLU B 81 14.55 -44.36 35.57
N GLU B 82 14.40 -44.75 36.83
CA GLU B 82 14.96 -46.04 37.23
C GLU B 82 14.25 -47.21 36.55
N GLU B 83 12.97 -47.07 36.24
CA GLU B 83 12.19 -48.19 35.69
C GLU B 83 12.20 -48.22 34.17
N ASN B 84 13.41 -48.15 33.61
CA ASN B 84 13.62 -48.18 32.16
C ASN B 84 12.84 -47.07 31.45
#